data_2X8R
#
_entry.id   2X8R
#
_cell.length_a   80.650
_cell.length_b   111.720
_cell.length_c   119.160
_cell.angle_alpha   90.00
_cell.angle_beta   90.00
_cell.angle_gamma   90.00
#
_symmetry.space_group_name_H-M   'P 21 21 21'
#
loop_
_entity.id
_entity.type
_entity.pdbx_description
1 polymer 'GLYCOSYL HYDROLASE'
2 non-polymer 'CHLORIDE ION'
3 water water
#
_entity_poly.entity_id   1
_entity_poly.type   'polypeptide(L)'
_entity_poly.pdbx_seq_one_letter_code
;ATTVQGFDISNHQKSVNFEAAKKDGAQFVMIKATEGTTYKDTVFNSHYTGATKAGLLRGGYHFARPDKSTGSTQAKFFLK
NGGGWSDDNRTLPGMLDIEYNPYGATCYGLSHSQMVAWIHDFVNEYHHATSRWPMIYTTADWWNRCTGNAKGFGDKCPLV
LAAYSSSPPKTIPGDWKTWTIWQNSDKYKHGGDSDKFNGPMTQLRKLASG
;
_entity_poly.pdbx_strand_id   A,B,C,D,E,F
#
# COMPACT_ATOMS: atom_id res chain seq x y z
N THR A 2 18.39 -6.66 -13.52
CA THR A 2 18.05 -6.72 -14.97
C THR A 2 17.04 -5.62 -15.34
N THR A 3 16.73 -5.50 -16.62
CA THR A 3 15.73 -4.52 -17.09
C THR A 3 14.81 -5.18 -18.09
N VAL A 4 13.67 -4.54 -18.35
CA VAL A 4 12.76 -4.98 -19.39
C VAL A 4 12.69 -3.87 -20.44
N GLN A 5 12.80 -4.26 -21.70
CA GLN A 5 12.79 -3.27 -22.79
C GLN A 5 11.36 -2.83 -23.06
N GLY A 6 11.21 -1.55 -23.31
CA GLY A 6 9.95 -1.02 -23.80
C GLY A 6 10.26 0.20 -24.66
N PHE A 7 9.22 0.98 -24.93
CA PHE A 7 9.36 2.16 -25.80
C PHE A 7 8.21 3.11 -25.64
N ASP A 8 8.33 4.30 -26.23
CA ASP A 8 7.20 5.23 -26.20
C ASP A 8 7.08 5.90 -27.56
N ILE A 9 5.84 6.20 -27.94
CA ILE A 9 5.48 6.61 -29.28
C ILE A 9 4.37 7.64 -29.22
N SER A 10 4.14 8.29 -30.35
CA SER A 10 3.13 9.36 -30.50
C SER A 10 2.72 9.46 -31.98
N ASN A 11 1.92 10.47 -32.31
CA ASN A 11 1.61 10.73 -33.74
C ASN A 11 2.85 10.98 -34.62
N HIS A 12 4.03 11.19 -34.03
CA HIS A 12 5.25 11.26 -34.84
C HIS A 12 5.58 9.93 -35.53
N GLN A 13 5.08 8.84 -34.94
CA GLN A 13 5.10 7.53 -35.61
C GLN A 13 3.73 7.18 -36.21
N LYS A 14 3.61 7.30 -37.54
CA LYS A 14 2.33 7.07 -38.20
C LYS A 14 1.88 5.63 -38.15
N SER A 15 2.85 4.74 -38.04
CA SER A 15 2.67 3.28 -38.08
C SER A 15 3.78 2.65 -37.23
N VAL A 16 3.38 1.70 -36.38
CA VAL A 16 4.33 0.94 -35.59
C VAL A 16 4.10 -0.56 -35.73
N ASN A 17 5.18 -1.32 -35.95
CA ASN A 17 5.04 -2.76 -36.02
C ASN A 17 5.21 -3.30 -34.61
N PHE A 18 4.12 -3.36 -33.85
CA PHE A 18 4.20 -3.86 -32.48
C PHE A 18 4.64 -5.33 -32.39
N GLU A 19 4.23 -6.15 -33.36
CA GLU A 19 4.59 -7.57 -33.38
C GLU A 19 6.11 -7.67 -33.44
N ALA A 20 6.71 -6.88 -34.36
CA ALA A 20 8.17 -6.84 -34.51
C ALA A 20 8.89 -6.36 -33.25
N ALA A 21 8.35 -5.30 -32.62
CA ALA A 21 8.92 -4.83 -31.35
C ALA A 21 8.85 -5.91 -30.29
N LYS A 22 7.72 -6.60 -30.20
CA LYS A 22 7.56 -7.66 -29.20
C LYS A 22 8.56 -8.82 -29.47
N LYS A 23 8.72 -9.17 -30.73
CA LYS A 23 9.64 -10.26 -31.10
C LYS A 23 11.06 -9.88 -30.68
N ASP A 24 11.35 -8.58 -30.77
CA ASP A 24 12.66 -8.05 -30.48
C ASP A 24 12.88 -7.71 -28.99
N GLY A 25 11.91 -8.08 -28.14
CA GLY A 25 12.10 -8.02 -26.68
C GLY A 25 11.31 -6.91 -25.99
N ALA A 26 10.61 -6.08 -26.76
CA ALA A 26 9.82 -4.98 -26.15
C ALA A 26 8.61 -5.61 -25.45
N GLN A 27 8.35 -5.17 -24.23
CA GLN A 27 7.25 -5.77 -23.47
C GLN A 27 6.21 -4.75 -23.10
N PHE A 28 6.56 -3.49 -23.24
CA PHE A 28 5.61 -2.43 -22.89
C PHE A 28 5.81 -1.22 -23.75
N VAL A 29 4.77 -0.42 -23.81
CA VAL A 29 4.85 0.83 -24.57
C VAL A 29 3.94 1.90 -23.96
N MET A 30 4.45 3.13 -23.90
N MET A 30 4.45 3.14 -23.88
CA MET A 30 3.67 4.31 -23.50
CA MET A 30 3.67 4.31 -23.47
C MET A 30 3.34 5.09 -24.75
C MET A 30 3.36 5.14 -24.70
N ILE A 31 2.11 5.55 -24.82
CA ILE A 31 1.56 6.08 -26.10
C ILE A 31 0.93 7.44 -25.87
N LYS A 32 1.34 8.45 -26.64
CA LYS A 32 0.80 9.80 -26.38
C LYS A 32 -0.68 9.81 -26.63
N ALA A 33 -1.43 10.28 -25.64
CA ALA A 33 -2.90 10.37 -25.76
C ALA A 33 -3.38 11.79 -25.98
N THR A 34 -2.86 12.71 -25.16
CA THR A 34 -3.33 14.10 -25.14
C THR A 34 -2.19 15.08 -24.86
N GLU A 35 -2.47 16.36 -25.13
CA GLU A 35 -1.58 17.45 -24.84
C GLU A 35 -2.43 18.65 -24.46
N GLY A 36 -2.04 19.36 -23.41
CA GLY A 36 -2.78 20.57 -22.99
C GLY A 36 -4.23 20.27 -22.71
N THR A 37 -5.13 21.17 -23.12
CA THR A 37 -6.54 21.03 -22.74
C THR A 37 -7.46 20.52 -23.85
N THR A 38 -7.03 20.60 -25.11
CA THR A 38 -7.88 20.20 -26.21
C THR A 38 -7.25 19.29 -27.27
N TYR A 39 -5.94 19.06 -27.19
CA TYR A 39 -5.30 18.32 -28.26
C TYR A 39 -5.38 16.80 -27.99
N LYS A 40 -5.97 16.04 -28.91
CA LYS A 40 -6.03 14.56 -28.81
C LYS A 40 -5.06 14.05 -29.86
N ASP A 41 -4.07 13.24 -29.44
CA ASP A 41 -3.15 12.65 -30.42
C ASP A 41 -3.97 11.69 -31.31
N THR A 42 -4.00 11.98 -32.61
CA THR A 42 -4.91 11.28 -33.52
C THR A 42 -4.47 9.88 -33.93
N VAL A 43 -3.27 9.49 -33.56
CA VAL A 43 -2.77 8.14 -33.81
C VAL A 43 -2.86 7.30 -32.57
N PHE A 44 -3.20 7.91 -31.43
CA PHE A 44 -3.30 7.15 -30.18
C PHE A 44 -4.16 5.88 -30.32
N ASN A 45 -5.36 6.02 -30.87
CA ASN A 45 -6.28 4.87 -30.93
C ASN A 45 -5.68 3.70 -31.72
N SER A 46 -5.12 4.03 -32.88
CA SER A 46 -4.50 3.01 -33.75
C SER A 46 -3.31 2.33 -33.03
N HIS A 47 -2.49 3.13 -32.36
CA HIS A 47 -1.33 2.60 -31.62
C HIS A 47 -1.77 1.70 -30.47
N TYR A 48 -2.72 2.18 -29.67
CA TYR A 48 -3.16 1.49 -28.48
C TYR A 48 -3.79 0.15 -28.85
N THR A 49 -4.58 0.12 -29.92
CA THR A 49 -5.15 -1.15 -30.39
C THR A 49 -4.07 -2.06 -30.91
N GLY A 50 -3.15 -1.49 -31.69
CA GLY A 50 -2.04 -2.30 -32.23
C GLY A 50 -1.23 -2.93 -31.09
N ALA A 51 -0.94 -2.15 -30.06
CA ALA A 51 -0.18 -2.66 -28.93
C ALA A 51 -0.93 -3.76 -28.21
N THR A 52 -2.25 -3.62 -28.09
CA THR A 52 -3.04 -4.59 -27.36
C THR A 52 -3.01 -5.94 -28.08
N LYS A 53 -3.17 -5.89 -29.40
CA LYS A 53 -3.29 -7.09 -30.20
C LYS A 53 -1.96 -7.84 -30.19
N ALA A 54 -0.87 -7.09 -30.14
CA ALA A 54 0.49 -7.68 -30.10
C ALA A 54 0.88 -8.27 -28.75
N GLY A 55 0.04 -8.08 -27.74
CA GLY A 55 0.31 -8.61 -26.40
C GLY A 55 1.24 -7.75 -25.55
N LEU A 56 1.40 -6.48 -25.86
CA LEU A 56 2.25 -5.61 -25.00
C LEU A 56 1.44 -5.04 -23.86
N LEU A 57 2.10 -4.81 -22.73
CA LEU A 57 1.58 -3.91 -21.72
C LEU A 57 1.58 -2.50 -22.37
N ARG A 58 0.57 -1.68 -22.09
CA ARG A 58 0.55 -0.34 -22.68
C ARG A 58 -0.17 0.61 -21.77
N GLY A 59 0.19 1.89 -21.89
CA GLY A 59 -0.52 2.95 -21.17
C GLY A 59 -0.42 4.23 -21.98
N GLY A 60 -1.20 5.24 -21.58
CA GLY A 60 -1.17 6.52 -22.31
C GLY A 60 -0.24 7.51 -21.63
N TYR A 61 0.13 8.58 -22.36
CA TYR A 61 0.77 9.68 -21.67
C TYR A 61 0.21 11.01 -22.12
N HIS A 62 0.33 12.00 -21.24
CA HIS A 62 -0.16 13.34 -21.45
C HIS A 62 1.01 14.33 -21.56
N PHE A 63 1.05 15.14 -22.62
CA PHE A 63 2.07 16.17 -22.64
C PHE A 63 1.55 17.42 -21.94
N ALA A 64 2.12 17.72 -20.80
CA ALA A 64 1.68 18.84 -20.03
C ALA A 64 1.96 20.17 -20.68
N ARG A 65 1.04 21.12 -20.51
CA ARG A 65 1.26 22.51 -20.86
C ARG A 65 0.73 23.34 -19.70
N PRO A 66 1.53 23.50 -18.65
CA PRO A 66 1.05 24.02 -17.40
C PRO A 66 0.58 25.47 -17.43
N ASP A 67 0.99 26.22 -18.42
CA ASP A 67 0.51 27.59 -18.61
C ASP A 67 -0.95 27.69 -19.12
N LYS A 68 -1.52 26.57 -19.56
CA LYS A 68 -2.83 26.62 -20.27
C LYS A 68 -4.04 26.34 -19.36
N SER A 69 -3.80 25.73 -18.21
CA SER A 69 -4.89 25.35 -17.29
C SER A 69 -4.31 24.81 -16.00
N THR A 70 -5.19 24.45 -15.07
CA THR A 70 -4.76 23.81 -13.83
C THR A 70 -4.33 22.40 -14.13
N GLY A 71 -3.58 21.80 -13.20
CA GLY A 71 -3.14 20.38 -13.31
C GLY A 71 -4.34 19.43 -13.35
N SER A 72 -5.35 19.73 -12.54
CA SER A 72 -6.55 18.89 -12.49
C SER A 72 -7.30 18.88 -13.82
N THR A 73 -7.42 20.06 -14.45
CA THR A 73 -8.09 20.09 -15.77
C THR A 73 -7.44 19.15 -16.79
N GLN A 74 -6.11 19.21 -16.86
CA GLN A 74 -5.37 18.39 -17.80
C GLN A 74 -5.42 16.90 -17.45
N ALA A 75 -5.36 16.57 -16.16
CA ALA A 75 -5.61 15.20 -15.71
C ALA A 75 -6.97 14.67 -16.18
N LYS A 76 -8.02 15.49 -16.01
CA LYS A 76 -9.35 15.05 -16.39
C LYS A 76 -9.43 14.84 -17.90
N PHE A 77 -8.79 15.71 -18.67
CA PHE A 77 -8.83 15.60 -20.12
C PHE A 77 -8.11 14.31 -20.57
N PHE A 78 -6.92 14.11 -20.01
CA PHE A 78 -6.13 12.89 -20.26
C PHE A 78 -6.96 11.62 -19.93
N LEU A 79 -7.59 11.63 -18.75
CA LEU A 79 -8.40 10.48 -18.30
C LEU A 79 -9.56 10.11 -19.21
N LYS A 80 -10.12 11.11 -19.88
CA LYS A 80 -11.26 10.86 -20.79
C LYS A 80 -10.82 10.44 -22.19
N ASN A 81 -9.50 10.44 -22.44
CA ASN A 81 -9.05 10.34 -23.81
C ASN A 81 -7.84 9.40 -23.91
N GLY A 82 -7.78 8.40 -23.05
CA GLY A 82 -6.74 7.36 -23.26
C GLY A 82 -5.84 7.16 -22.07
N GLY A 83 -5.93 8.09 -21.12
CA GLY A 83 -5.11 8.07 -19.93
C GLY A 83 -5.66 7.21 -18.80
N GLY A 84 -6.80 6.54 -19.02
CA GLY A 84 -7.41 5.68 -17.97
C GLY A 84 -6.55 4.51 -17.52
N TRP A 85 -6.90 3.90 -16.39
CA TRP A 85 -6.16 2.69 -15.92
C TRP A 85 -7.13 1.78 -15.24
N SER A 86 -6.95 0.48 -15.45
CA SER A 86 -7.63 -0.50 -14.61
C SER A 86 -6.66 -1.65 -14.45
N ASP A 87 -6.90 -2.47 -13.42
CA ASP A 87 -6.14 -3.68 -13.12
C ASP A 87 -6.64 -4.84 -14.02
N ASP A 88 -6.35 -4.75 -15.32
CA ASP A 88 -6.85 -5.72 -16.33
C ASP A 88 -5.79 -6.59 -16.95
N ASN A 89 -4.60 -6.61 -16.33
CA ASN A 89 -3.40 -7.34 -16.80
C ASN A 89 -2.74 -6.74 -18.04
N ARG A 90 -3.23 -5.58 -18.47
CA ARG A 90 -2.75 -5.02 -19.72
C ARG A 90 -2.23 -3.59 -19.65
N THR A 91 -2.48 -2.93 -18.51
CA THR A 91 -2.44 -1.45 -18.52
C THR A 91 -1.41 -0.85 -17.56
N LEU A 92 -0.49 -0.03 -18.10
CA LEU A 92 0.42 0.73 -17.24
C LEU A 92 -0.32 1.95 -16.69
N PRO A 93 0.06 2.40 -15.49
CA PRO A 93 -0.54 3.67 -15.05
C PRO A 93 -0.19 4.81 -16.04
N GLY A 94 -1.10 5.77 -16.20
CA GLY A 94 -0.86 6.92 -17.12
C GLY A 94 0.42 7.65 -16.73
N MET A 95 1.08 8.27 -17.69
CA MET A 95 2.35 8.92 -17.45
C MET A 95 2.18 10.42 -17.79
N LEU A 96 2.59 11.27 -16.85
CA LEU A 96 2.61 12.70 -17.10
C LEU A 96 3.96 13.08 -17.68
N ASP A 97 3.98 13.58 -18.91
CA ASP A 97 5.23 14.06 -19.53
C ASP A 97 5.34 15.54 -19.21
N ILE A 98 6.19 15.83 -18.25
CA ILE A 98 6.31 17.16 -17.72
C ILE A 98 7.81 17.62 -17.84
N GLU A 99 8.09 18.38 -18.90
CA GLU A 99 9.41 18.79 -19.18
C GLU A 99 9.39 19.94 -20.23
N TYR A 100 10.42 20.02 -21.04
CA TYR A 100 10.70 21.19 -21.78
C TYR A 100 9.55 21.71 -22.63
N ASN A 101 9.27 22.97 -22.46
CA ASN A 101 8.21 23.64 -23.22
C ASN A 101 8.61 23.80 -24.69
N PRO A 102 7.91 23.12 -25.59
CA PRO A 102 8.27 23.20 -27.01
C PRO A 102 7.85 24.53 -27.59
N TYR A 103 7.15 25.35 -26.81
CA TYR A 103 6.56 26.56 -27.36
C TYR A 103 7.33 27.81 -26.98
N GLY A 104 8.52 27.66 -26.40
CA GLY A 104 9.50 28.76 -26.29
C GLY A 104 9.47 29.68 -25.08
N ALA A 105 8.89 29.22 -23.97
CA ALA A 105 8.90 30.00 -22.71
C ALA A 105 9.41 29.08 -21.62
N THR A 106 10.57 29.40 -21.04
N THR A 106 10.57 29.40 -21.05
CA THR A 106 11.14 28.54 -19.99
CA THR A 106 11.11 28.52 -20.00
C THR A 106 10.23 28.32 -18.76
C THR A 106 10.13 28.30 -18.84
N CYS A 107 10.09 27.04 -18.40
CA CYS A 107 9.18 26.57 -17.33
C CYS A 107 7.71 27.01 -17.51
N TYR A 108 7.30 27.33 -18.75
CA TYR A 108 5.90 27.69 -19.04
C TYR A 108 5.49 28.99 -18.33
N GLY A 109 6.47 29.74 -17.86
CA GLY A 109 6.22 31.02 -17.19
C GLY A 109 5.80 30.86 -15.74
N LEU A 110 5.90 29.64 -15.22
CA LEU A 110 5.51 29.40 -13.84
C LEU A 110 6.74 29.43 -12.93
N SER A 111 6.52 29.84 -11.68
CA SER A 111 7.52 29.77 -10.63
C SER A 111 7.65 28.36 -10.11
N HIS A 112 8.67 28.11 -9.29
CA HIS A 112 8.83 26.83 -8.65
C HIS A 112 7.56 26.49 -7.89
N SER A 113 7.02 27.43 -7.09
CA SER A 113 5.90 27.01 -6.26
C SER A 113 4.67 26.77 -7.11
N GLN A 114 4.52 27.54 -8.17
CA GLN A 114 3.38 27.33 -9.09
C GLN A 114 3.47 25.99 -9.80
N MET A 115 4.69 25.65 -10.23
CA MET A 115 4.88 24.40 -10.98
C MET A 115 4.68 23.22 -10.05
N VAL A 116 5.22 23.30 -8.83
CA VAL A 116 5.02 22.19 -7.90
C VAL A 116 3.51 21.99 -7.62
N ALA A 117 2.78 23.09 -7.46
CA ALA A 117 1.35 23.03 -7.22
C ALA A 117 0.60 22.42 -8.42
N TRP A 118 1.01 22.83 -9.62
CA TRP A 118 0.40 22.33 -10.87
C TRP A 118 0.59 20.80 -10.94
N ILE A 119 1.83 20.35 -10.73
CA ILE A 119 2.10 18.89 -10.81
C ILE A 119 1.38 18.13 -9.71
N HIS A 120 1.37 18.66 -8.48
N HIS A 120 1.38 18.68 -8.49
CA HIS A 120 0.55 18.04 -7.44
CA HIS A 120 0.56 18.16 -7.38
C HIS A 120 -0.93 17.96 -7.85
C HIS A 120 -0.91 18.00 -7.80
N ASP A 121 -1.45 19.03 -8.42
CA ASP A 121 -2.84 19.03 -8.84
C ASP A 121 -3.13 17.93 -9.90
N PHE A 122 -2.25 17.82 -10.91
CA PHE A 122 -2.36 16.74 -11.90
C PHE A 122 -2.33 15.36 -11.25
N VAL A 123 -1.28 15.10 -10.47
CA VAL A 123 -1.11 13.74 -9.97
C VAL A 123 -2.17 13.36 -8.95
N ASN A 124 -2.59 14.32 -8.14
CA ASN A 124 -3.67 14.02 -7.19
C ASN A 124 -4.98 13.70 -7.90
N GLU A 125 -5.33 14.48 -8.92
CA GLU A 125 -6.54 14.19 -9.70
C GLU A 125 -6.45 12.80 -10.32
N TYR A 126 -5.28 12.47 -10.86
CA TYR A 126 -5.09 11.19 -11.51
C TYR A 126 -5.32 10.05 -10.51
N HIS A 127 -4.77 10.22 -9.32
CA HIS A 127 -4.88 9.21 -8.27
C HIS A 127 -6.33 9.11 -7.77
N HIS A 128 -7.01 10.26 -7.67
CA HIS A 128 -8.41 10.31 -7.22
C HIS A 128 -9.28 9.48 -8.16
N ALA A 129 -9.04 9.63 -9.46
CA ALA A 129 -9.86 9.03 -10.47
C ALA A 129 -9.57 7.53 -10.60
N THR A 130 -8.31 7.13 -10.46
CA THR A 130 -7.92 5.76 -10.84
C THR A 130 -7.46 4.83 -9.74
N SER A 131 -7.14 5.42 -8.59
CA SER A 131 -6.49 4.77 -7.43
CA SER A 131 -6.48 4.77 -7.45
C SER A 131 -4.98 4.54 -7.62
N ARG A 132 -4.47 4.98 -8.75
CA ARG A 132 -3.02 4.86 -9.05
C ARG A 132 -2.36 6.23 -9.12
N TRP A 133 -1.14 6.31 -8.57
CA TRP A 133 -0.30 7.46 -8.81
C TRP A 133 0.19 7.35 -10.25
N PRO A 134 0.12 8.44 -11.04
CA PRO A 134 0.66 8.36 -12.40
C PRO A 134 2.20 8.33 -12.40
N MET A 135 2.82 7.85 -13.50
CA MET A 135 4.27 7.97 -13.64
C MET A 135 4.61 9.43 -13.99
N ILE A 136 5.77 9.92 -13.54
CA ILE A 136 6.21 11.26 -13.92
C ILE A 136 7.43 11.07 -14.82
N TYR A 137 7.33 11.62 -16.02
CA TYR A 137 8.42 11.60 -17.01
C TYR A 137 9.07 12.98 -17.06
N THR A 138 10.39 13.03 -16.85
CA THR A 138 11.07 14.32 -16.90
C THR A 138 12.57 14.08 -17.05
N THR A 139 13.35 15.17 -17.07
CA THR A 139 14.79 15.04 -16.95
C THR A 139 15.21 15.61 -15.61
N ALA A 140 16.40 15.21 -15.14
CA ALA A 140 16.90 15.78 -13.88
C ALA A 140 17.08 17.31 -14.02
N ASP A 141 17.60 17.73 -15.18
CA ASP A 141 17.86 19.14 -15.48
C ASP A 141 16.56 19.94 -15.39
N TRP A 142 15.50 19.43 -16.05
CA TRP A 142 14.25 20.15 -16.06
C TRP A 142 13.65 20.24 -14.64
N TRP A 143 13.63 19.10 -13.93
CA TRP A 143 13.09 19.05 -12.59
C TRP A 143 13.82 20.04 -11.67
N ASN A 144 15.14 20.13 -11.83
CA ASN A 144 15.89 21.07 -11.05
C ASN A 144 15.50 22.50 -11.41
N ARG A 145 15.48 22.82 -12.71
CA ARG A 145 15.22 24.21 -13.11
C ARG A 145 13.80 24.64 -12.79
N CYS A 146 12.83 23.77 -13.08
CA CYS A 146 11.45 24.26 -13.05
C CYS A 146 10.69 24.00 -11.76
N THR A 147 11.22 23.12 -10.91
CA THR A 147 10.59 22.83 -9.62
C THR A 147 11.47 23.15 -8.42
N GLY A 148 12.70 23.60 -8.68
CA GLY A 148 13.69 23.71 -7.59
C GLY A 148 14.10 22.35 -7.03
N ASN A 149 14.10 21.34 -7.91
CA ASN A 149 14.39 19.95 -7.55
C ASN A 149 13.48 19.41 -6.45
N ALA A 150 12.20 19.66 -6.62
CA ALA A 150 11.24 19.46 -5.56
C ALA A 150 11.13 18.01 -5.09
N LYS A 151 11.04 17.86 -3.76
CA LYS A 151 10.73 16.59 -3.13
C LYS A 151 9.21 16.45 -3.05
N GLY A 152 8.75 15.31 -2.53
CA GLY A 152 7.31 15.09 -2.28
C GLY A 152 6.61 14.18 -3.27
N PHE A 153 7.30 13.74 -4.32
CA PHE A 153 6.63 12.89 -5.34
C PHE A 153 7.26 11.52 -5.43
N GLY A 154 8.44 11.37 -4.82
CA GLY A 154 9.27 10.20 -4.94
C GLY A 154 8.72 8.92 -4.37
N ASP A 155 7.98 9.03 -3.28
CA ASP A 155 7.48 7.80 -2.69
C ASP A 155 6.15 7.33 -3.29
N LYS A 156 5.54 8.15 -4.14
CA LYS A 156 4.23 7.87 -4.74
C LYS A 156 4.30 7.63 -6.29
N CYS A 157 4.94 8.54 -7.01
CA CYS A 157 4.83 8.53 -8.47
C CYS A 157 6.06 7.84 -9.07
N PRO A 158 5.88 6.75 -9.85
CA PRO A 158 7.08 6.17 -10.51
C PRO A 158 7.80 7.19 -11.38
N LEU A 159 9.13 7.24 -11.30
CA LEU A 159 9.88 8.21 -12.12
C LEU A 159 10.30 7.57 -13.44
N VAL A 160 10.07 8.27 -14.54
CA VAL A 160 10.48 7.85 -15.86
C VAL A 160 11.51 8.91 -16.21
N LEU A 161 12.78 8.50 -16.25
CA LEU A 161 13.86 9.48 -16.33
C LEU A 161 14.58 9.46 -17.66
N ALA A 162 14.57 10.60 -18.36
CA ALA A 162 15.21 10.63 -19.68
C ALA A 162 16.65 11.09 -19.52
N ALA A 163 17.59 10.31 -20.03
CA ALA A 163 19.03 10.64 -19.97
C ALA A 163 19.68 9.74 -21.01
N TYR A 164 20.07 10.34 -22.15
CA TYR A 164 20.48 9.56 -23.30
C TYR A 164 21.97 9.21 -23.21
N SER A 165 22.20 7.92 -22.96
CA SER A 165 23.54 7.44 -22.66
C SER A 165 23.63 5.94 -22.68
N SER A 166 24.85 5.43 -22.82
N SER A 166 24.84 5.43 -22.80
CA SER A 166 25.08 3.99 -22.67
CA SER A 166 25.09 4.00 -22.70
C SER A 166 24.92 3.58 -21.21
C SER A 166 25.18 3.54 -21.22
N SER A 167 25.25 4.50 -20.29
CA SER A 167 25.19 4.23 -18.84
C SER A 167 23.89 4.75 -18.25
N PRO A 168 23.35 4.07 -17.21
CA PRO A 168 22.14 4.59 -16.53
C PRO A 168 22.35 5.93 -15.84
N PRO A 169 21.26 6.62 -15.57
CA PRO A 169 21.34 7.99 -15.07
C PRO A 169 22.07 8.08 -13.75
N LYS A 170 22.94 9.07 -13.60
CA LYS A 170 23.73 9.21 -12.39
C LYS A 170 23.11 10.25 -11.46
N THR A 171 22.28 11.12 -12.00
CA THR A 171 21.65 12.17 -11.21
C THR A 171 20.18 11.84 -11.12
N ILE A 172 19.71 11.56 -9.91
CA ILE A 172 18.29 11.23 -9.67
C ILE A 172 17.62 12.42 -9.01
N PRO A 173 16.55 12.93 -9.65
CA PRO A 173 15.95 14.18 -9.16
C PRO A 173 15.14 14.00 -7.89
N GLY A 174 14.82 15.14 -7.26
CA GLY A 174 13.81 15.12 -6.18
C GLY A 174 14.18 14.19 -5.03
N ASP A 175 13.18 13.53 -4.44
CA ASP A 175 13.41 12.53 -3.41
C ASP A 175 13.20 11.13 -3.93
N TRP A 176 13.23 10.98 -5.26
CA TRP A 176 13.21 9.60 -5.76
C TRP A 176 14.43 8.76 -5.32
N LYS A 177 14.17 7.50 -4.95
CA LYS A 177 15.24 6.57 -4.63
C LYS A 177 16.01 6.23 -5.89
N THR A 178 15.28 5.96 -6.97
CA THR A 178 15.86 5.58 -8.25
C THR A 178 14.76 5.75 -9.32
N TRP A 179 15.08 5.51 -10.57
CA TRP A 179 14.08 5.54 -11.64
C TRP A 179 13.35 4.22 -11.69
N THR A 180 12.08 4.27 -12.08
CA THR A 180 11.31 3.07 -12.43
C THR A 180 11.51 2.71 -13.90
N ILE A 181 11.52 3.73 -14.78
N ILE A 181 11.52 3.71 -14.78
CA ILE A 181 11.80 3.55 -16.21
CA ILE A 181 11.84 3.51 -16.19
C ILE A 181 12.85 4.58 -16.63
C ILE A 181 12.87 4.56 -16.58
N TRP A 182 13.81 4.16 -17.45
CA TRP A 182 14.87 5.05 -17.93
C TRP A 182 14.66 5.18 -19.43
N GLN A 183 14.45 6.40 -19.91
CA GLN A 183 14.38 6.60 -21.35
C GLN A 183 15.78 6.85 -21.84
N ASN A 184 16.33 5.82 -22.49
CA ASN A 184 17.76 5.79 -22.71
C ASN A 184 18.19 6.32 -24.09
N SER A 185 17.24 6.48 -25.01
N SER A 185 17.24 6.50 -25.00
CA SER A 185 17.54 7.00 -26.36
CA SER A 185 17.53 7.08 -26.31
C SER A 185 16.26 7.51 -26.99
C SER A 185 16.25 7.62 -26.90
N ASP A 186 16.40 8.50 -27.87
CA ASP A 186 15.28 8.96 -28.70
C ASP A 186 15.27 8.34 -30.10
N LYS A 187 15.97 7.21 -30.25
CA LYS A 187 16.11 6.54 -31.56
C LYS A 187 15.90 5.03 -31.51
N TYR A 188 14.70 4.62 -31.15
CA TYR A 188 14.43 3.19 -31.04
C TYR A 188 14.09 2.60 -32.40
N LYS A 189 14.69 1.46 -32.72
CA LYS A 189 14.48 0.79 -33.99
C LYS A 189 13.01 0.66 -34.39
N HIS A 190 12.14 0.32 -33.43
CA HIS A 190 10.75 0.05 -33.77
C HIS A 190 9.85 1.26 -33.70
N GLY A 191 10.48 2.40 -33.47
CA GLY A 191 9.76 3.68 -33.48
C GLY A 191 9.88 4.42 -32.15
N GLY A 192 9.88 5.74 -32.21
CA GLY A 192 9.87 6.55 -31.00
C GLY A 192 11.14 6.47 -30.14
N ASP A 193 10.95 6.46 -28.83
N ASP A 193 10.95 6.44 -28.83
CA ASP A 193 12.06 6.50 -27.87
CA ASP A 193 12.05 6.49 -27.88
C ASP A 193 12.23 5.12 -27.23
C ASP A 193 12.22 5.13 -27.19
N SER A 194 13.46 4.76 -26.88
CA SER A 194 13.75 3.51 -26.15
C SER A 194 13.56 3.72 -24.64
N ASP A 195 12.98 2.72 -23.97
CA ASP A 195 12.77 2.77 -22.51
C ASP A 195 13.19 1.47 -21.86
N LYS A 196 13.68 1.56 -20.62
CA LYS A 196 14.08 0.38 -19.85
C LYS A 196 13.42 0.38 -18.51
N PHE A 197 12.67 -0.67 -18.19
CA PHE A 197 12.06 -0.76 -16.88
C PHE A 197 13.09 -1.33 -15.90
N ASN A 198 13.13 -0.81 -14.68
CA ASN A 198 14.16 -1.20 -13.68
C ASN A 198 13.70 -2.45 -12.92
N GLY A 199 14.04 -3.60 -13.45
CA GLY A 199 13.76 -4.88 -12.79
C GLY A 199 13.25 -5.92 -13.75
N PRO A 200 12.83 -7.07 -13.21
CA PRO A 200 12.32 -8.14 -14.04
C PRO A 200 10.85 -7.98 -14.42
N MET A 201 10.36 -8.85 -15.31
CA MET A 201 8.99 -8.80 -15.75
C MET A 201 8.02 -8.87 -14.56
N THR A 202 8.34 -9.73 -13.58
CA THR A 202 7.40 -9.85 -12.46
C THR A 202 7.14 -8.48 -11.82
N GLN A 203 8.19 -7.66 -11.68
CA GLN A 203 8.01 -6.32 -11.10
C GLN A 203 7.34 -5.37 -12.05
N LEU A 204 7.58 -5.53 -13.35
CA LEU A 204 6.82 -4.75 -14.32
C LEU A 204 5.31 -5.05 -14.22
N ARG A 205 4.94 -6.35 -14.17
CA ARG A 205 3.51 -6.67 -13.99
C ARG A 205 2.92 -6.06 -12.68
N LYS A 206 3.72 -5.90 -11.64
N LYS A 206 3.74 -5.89 -11.65
CA LYS A 206 3.27 -5.25 -10.40
CA LYS A 206 3.31 -5.25 -10.39
C LYS A 206 3.09 -3.74 -10.62
C LYS A 206 3.13 -3.75 -10.59
N LEU A 207 3.95 -3.14 -11.43
CA LEU A 207 3.72 -1.72 -11.79
C LEU A 207 2.35 -1.63 -12.48
N ALA A 208 2.05 -2.57 -13.39
CA ALA A 208 0.74 -2.56 -14.09
C ALA A 208 -0.41 -2.76 -13.12
N SER A 209 -0.31 -3.78 -12.25
CA SER A 209 -1.47 -4.11 -11.36
C SER A 209 -1.65 -3.16 -10.20
N GLY A 210 -0.55 -2.57 -9.73
CA GLY A 210 -0.52 -1.85 -8.45
C GLY A 210 -0.59 -2.82 -7.27
N ALA B 1 -19.78 -26.00 -29.96
CA ALA B 1 -19.24 -25.11 -31.00
C ALA B 1 -20.29 -24.78 -32.06
N THR B 2 -21.55 -25.13 -31.83
CA THR B 2 -22.61 -24.52 -32.64
C THR B 2 -23.36 -23.40 -31.89
N THR B 3 -23.28 -23.40 -30.57
CA THR B 3 -23.59 -22.17 -29.82
C THR B 3 -22.45 -21.94 -28.84
N VAL B 4 -22.36 -20.70 -28.36
CA VAL B 4 -21.39 -20.36 -27.33
C VAL B 4 -22.16 -19.68 -26.18
N GLN B 5 -21.85 -20.11 -24.96
CA GLN B 5 -22.51 -19.53 -23.79
C GLN B 5 -21.90 -18.18 -23.42
N GLY B 6 -22.77 -17.26 -23.04
CA GLY B 6 -22.37 -16.00 -22.41
C GLY B 6 -23.43 -15.54 -21.42
N PHE B 7 -23.32 -14.27 -21.00
CA PHE B 7 -24.33 -13.75 -20.07
C PHE B 7 -24.32 -12.24 -20.11
N ASP B 8 -25.25 -11.65 -19.40
CA ASP B 8 -25.22 -10.17 -19.30
C ASP B 8 -25.57 -9.72 -17.90
N ILE B 9 -25.00 -8.60 -17.50
CA ILE B 9 -25.09 -8.14 -16.09
C ILE B 9 -25.18 -6.65 -16.04
N SER B 10 -25.48 -6.14 -14.84
CA SER B 10 -25.62 -4.69 -14.60
C SER B 10 -25.35 -4.45 -13.11
N ASN B 11 -25.61 -3.22 -12.65
CA ASN B 11 -25.57 -2.92 -11.20
C ASN B 11 -26.47 -3.79 -10.33
N HIS B 12 -27.41 -4.50 -10.94
CA HIS B 12 -28.23 -5.46 -10.19
C HIS B 12 -27.41 -6.64 -9.66
N GLN B 13 -26.23 -6.84 -10.23
CA GLN B 13 -25.24 -7.81 -9.74
C GLN B 13 -24.11 -7.00 -9.10
N LYS B 14 -24.04 -6.96 -7.76
CA LYS B 14 -22.98 -6.19 -7.08
C LYS B 14 -21.57 -6.76 -7.26
N SER B 15 -21.52 -8.06 -7.50
CA SER B 15 -20.29 -8.81 -7.54
C SER B 15 -20.52 -10.05 -8.42
N VAL B 16 -19.58 -10.36 -9.32
CA VAL B 16 -19.70 -11.54 -10.20
C VAL B 16 -18.40 -12.32 -10.18
N ASN B 17 -18.48 -13.65 -10.05
CA ASN B 17 -17.27 -14.45 -10.13
C ASN B 17 -17.06 -14.80 -11.62
N PHE B 18 -16.30 -13.94 -12.29
CA PHE B 18 -15.99 -14.13 -13.71
C PHE B 18 -15.12 -15.36 -13.96
N GLU B 19 -14.18 -15.62 -13.06
CA GLU B 19 -13.40 -16.87 -13.17
C GLU B 19 -14.29 -18.12 -13.24
N ALA B 20 -15.30 -18.18 -12.37
CA ALA B 20 -16.17 -19.35 -12.29
C ALA B 20 -17.02 -19.47 -13.54
N ALA B 21 -17.46 -18.31 -14.03
CA ALA B 21 -18.27 -18.27 -15.23
C ALA B 21 -17.44 -18.80 -16.40
N LYS B 22 -16.20 -18.33 -16.52
CA LYS B 22 -15.29 -18.77 -17.60
C LYS B 22 -15.08 -20.29 -17.47
N LYS B 23 -14.86 -20.76 -16.23
CA LYS B 23 -14.70 -22.20 -16.01
C LYS B 23 -15.91 -23.04 -16.40
N ASP B 24 -17.12 -22.49 -16.24
CA ASP B 24 -18.35 -23.15 -16.68
C ASP B 24 -18.62 -23.06 -18.19
N GLY B 25 -17.79 -22.30 -18.91
CA GLY B 25 -17.81 -22.27 -20.35
C GLY B 25 -18.25 -20.93 -20.88
N ALA B 26 -18.61 -19.98 -20.01
CA ALA B 26 -18.99 -18.67 -20.55
C ALA B 26 -17.79 -18.05 -21.26
N GLN B 27 -18.03 -17.43 -22.42
CA GLN B 27 -16.95 -16.82 -23.20
C GLN B 27 -17.10 -15.36 -23.46
N PHE B 28 -18.27 -14.83 -23.14
CA PHE B 28 -18.53 -13.39 -23.39
C PHE B 28 -19.54 -12.84 -22.42
N VAL B 29 -19.52 -11.53 -22.23
CA VAL B 29 -20.48 -10.93 -21.29
C VAL B 29 -20.77 -9.53 -21.76
N MET B 30 -22.06 -9.19 -21.74
N MET B 30 -22.06 -9.16 -21.78
CA MET B 30 -22.47 -7.81 -21.99
CA MET B 30 -22.46 -7.79 -22.08
C MET B 30 -22.74 -7.14 -20.67
C MET B 30 -22.81 -7.11 -20.77
N ILE B 31 -22.27 -5.91 -20.55
CA ILE B 31 -22.33 -5.25 -19.23
C ILE B 31 -22.97 -3.89 -19.35
N LYS B 32 -23.97 -3.61 -18.51
CA LYS B 32 -24.65 -2.29 -18.59
C LYS B 32 -23.70 -1.17 -18.28
N ALA B 33 -23.64 -0.20 -19.18
CA ALA B 33 -22.75 0.95 -19.00
C ALA B 33 -23.54 2.19 -18.66
N THR B 34 -24.64 2.42 -19.37
CA THR B 34 -25.38 3.65 -19.26
C THR B 34 -26.86 3.48 -19.46
N GLU B 35 -27.63 4.50 -19.05
CA GLU B 35 -29.08 4.51 -19.28
C GLU B 35 -29.52 5.95 -19.53
N GLY B 36 -30.40 6.15 -20.49
CA GLY B 36 -30.92 7.51 -20.73
C GLY B 36 -29.83 8.50 -21.08
N THR B 37 -29.97 9.72 -20.57
N THR B 37 -30.00 9.72 -20.58
CA THR B 37 -29.08 10.80 -20.99
CA THR B 37 -29.12 10.82 -20.96
C THR B 37 -27.93 11.06 -20.02
C THR B 37 -27.89 10.90 -20.08
N THR B 38 -28.07 10.60 -18.78
CA THR B 38 -27.05 10.94 -17.77
C THR B 38 -26.63 9.85 -16.81
N TYR B 39 -27.30 8.69 -16.83
CA TYR B 39 -27.08 7.66 -15.79
C TYR B 39 -25.97 6.76 -16.22
N LYS B 40 -24.91 6.67 -15.42
CA LYS B 40 -23.79 5.77 -15.64
C LYS B 40 -23.96 4.63 -14.64
N ASP B 41 -24.06 3.40 -15.11
CA ASP B 41 -24.15 2.27 -14.18
C ASP B 41 -22.87 2.20 -13.36
N THR B 42 -23.01 2.28 -12.03
CA THR B 42 -21.86 2.47 -11.15
C THR B 42 -21.06 1.19 -10.86
N VAL B 43 -21.56 0.08 -11.34
CA VAL B 43 -20.77 -1.16 -11.20
C VAL B 43 -20.10 -1.51 -12.52
N PHE B 44 -20.43 -0.76 -13.58
CA PHE B 44 -19.84 -1.02 -14.89
C PHE B 44 -18.33 -1.22 -14.85
N ASN B 45 -17.62 -0.26 -14.26
CA ASN B 45 -16.16 -0.35 -14.27
C ASN B 45 -15.62 -1.60 -13.61
N SER B 46 -16.15 -1.97 -12.44
CA SER B 46 -15.68 -3.17 -11.76
C SER B 46 -16.01 -4.44 -12.55
N HIS B 47 -17.21 -4.50 -13.18
CA HIS B 47 -17.57 -5.66 -13.97
C HIS B 47 -16.68 -5.79 -15.20
N TYR B 48 -16.44 -4.66 -15.86
CA TYR B 48 -15.70 -4.69 -17.11
C TYR B 48 -14.24 -5.13 -16.86
N THR B 49 -13.68 -4.67 -15.74
CA THR B 49 -12.31 -5.04 -15.36
C THR B 49 -12.28 -6.50 -14.98
N GLY B 50 -13.27 -6.92 -14.22
CA GLY B 50 -13.35 -8.33 -13.78
C GLY B 50 -13.45 -9.27 -14.98
N ALA B 51 -14.28 -8.87 -15.95
CA ALA B 51 -14.47 -9.75 -17.13
C ALA B 51 -13.15 -9.83 -17.89
N THR B 52 -12.48 -8.69 -17.98
CA THR B 52 -11.21 -8.62 -18.70
C THR B 52 -10.15 -9.52 -18.05
N LYS B 53 -10.04 -9.42 -16.74
CA LYS B 53 -9.02 -10.21 -16.06
C LYS B 53 -9.23 -11.68 -16.22
N ALA B 54 -10.48 -12.11 -16.23
CA ALA B 54 -10.86 -13.51 -16.38
C ALA B 54 -10.71 -14.03 -17.82
N GLY B 55 -10.44 -13.15 -18.77
CA GLY B 55 -10.20 -13.60 -20.17
C GLY B 55 -11.45 -13.78 -21.00
N LEU B 56 -12.54 -13.10 -20.59
CA LEU B 56 -13.79 -13.09 -21.39
C LEU B 56 -13.81 -11.99 -22.44
N LEU B 57 -14.51 -12.23 -23.54
CA LEU B 57 -14.88 -11.15 -24.43
C LEU B 57 -15.93 -10.35 -23.67
N ARG B 58 -15.99 -9.04 -23.91
CA ARG B 58 -16.98 -8.21 -23.21
C ARG B 58 -17.26 -6.97 -24.00
N GLY B 59 -18.45 -6.41 -23.78
CA GLY B 59 -18.89 -5.16 -24.42
C GLY B 59 -19.85 -4.46 -23.46
N GLY B 60 -20.10 -3.19 -23.70
CA GLY B 60 -21.09 -2.46 -22.92
C GLY B 60 -22.46 -2.45 -23.54
N TYR B 61 -23.48 -2.13 -22.73
CA TYR B 61 -24.79 -1.88 -23.28
C TYR B 61 -25.43 -0.65 -22.71
N HIS B 62 -26.32 -0.08 -23.53
CA HIS B 62 -27.01 1.16 -23.17
C HIS B 62 -28.48 0.88 -23.01
N PHE B 63 -29.05 1.32 -21.88
CA PHE B 63 -30.51 1.22 -21.75
C PHE B 63 -31.18 2.48 -22.31
N ALA B 64 -31.81 2.34 -23.47
CA ALA B 64 -32.47 3.48 -24.14
C ALA B 64 -33.62 4.02 -23.33
N ARG B 65 -33.73 5.36 -23.23
CA ARG B 65 -35.02 5.99 -22.82
C ARG B 65 -35.37 7.06 -23.86
N PRO B 66 -36.05 6.64 -24.97
CA PRO B 66 -36.29 7.52 -26.12
C PRO B 66 -37.10 8.78 -25.81
N ASP B 67 -37.79 8.80 -24.67
CA ASP B 67 -38.59 10.00 -24.30
C ASP B 67 -37.74 11.14 -23.71
N LYS B 68 -36.46 10.84 -23.46
CA LYS B 68 -35.60 11.76 -22.70
C LYS B 68 -34.65 12.64 -23.50
N SER B 69 -34.23 12.19 -24.67
CA SER B 69 -33.29 12.92 -25.51
C SER B 69 -33.26 12.19 -26.84
N THR B 70 -32.52 12.73 -27.81
CA THR B 70 -32.47 12.06 -29.11
C THR B 70 -31.59 10.83 -29.04
N GLY B 71 -31.73 9.99 -30.08
CA GLY B 71 -30.97 8.75 -30.24
C GLY B 71 -29.48 9.07 -30.38
N SER B 72 -29.18 10.12 -31.14
CA SER B 72 -27.79 10.60 -31.21
C SER B 72 -27.20 11.02 -29.85
N THR B 73 -27.95 11.77 -29.04
CA THR B 73 -27.45 12.20 -27.71
C THR B 73 -27.09 11.00 -26.83
N GLN B 74 -27.98 10.01 -26.81
CA GLN B 74 -27.77 8.81 -25.98
C GLN B 74 -26.61 7.96 -26.51
N ALA B 75 -26.48 7.87 -27.82
CA ALA B 75 -25.32 7.13 -28.40
C ALA B 75 -24.02 7.83 -27.98
N LYS B 76 -23.95 9.15 -28.07
CA LYS B 76 -22.72 9.87 -27.68
C LYS B 76 -22.37 9.62 -26.22
N PHE B 77 -23.42 9.63 -25.38
CA PHE B 77 -23.21 9.43 -23.95
C PHE B 77 -22.67 8.03 -23.64
N PHE B 78 -23.28 7.04 -24.25
CA PHE B 78 -22.87 5.61 -24.13
C PHE B 78 -21.43 5.50 -24.60
N LEU B 79 -21.10 6.16 -25.71
CA LEU B 79 -19.75 5.95 -26.31
C LEU B 79 -18.67 6.48 -25.41
N LYS B 80 -18.98 7.49 -24.59
CA LYS B 80 -17.99 8.09 -23.69
C LYS B 80 -17.87 7.35 -22.36
N ASN B 81 -18.73 6.36 -22.13
CA ASN B 81 -18.83 5.81 -20.80
C ASN B 81 -18.91 4.31 -20.79
N GLY B 82 -18.21 3.68 -21.73
CA GLY B 82 -18.08 2.22 -21.68
C GLY B 82 -18.64 1.50 -22.88
N GLY B 83 -19.29 2.24 -23.79
CA GLY B 83 -19.86 1.64 -25.00
C GLY B 83 -18.92 1.64 -26.18
N GLY B 84 -17.67 2.10 -25.98
CA GLY B 84 -16.67 2.12 -27.07
C GLY B 84 -16.26 0.74 -27.56
N TRP B 85 -15.61 0.70 -28.71
CA TRP B 85 -15.21 -0.56 -29.34
C TRP B 85 -13.92 -0.31 -30.10
N SER B 86 -13.06 -1.32 -30.07
CA SER B 86 -11.88 -1.39 -30.95
C SER B 86 -11.64 -2.86 -31.26
N ASP B 87 -10.96 -3.11 -32.37
CA ASP B 87 -10.64 -4.48 -32.79
C ASP B 87 -9.39 -4.95 -32.04
N ASP B 88 -9.55 -5.22 -30.73
CA ASP B 88 -8.41 -5.53 -29.88
C ASP B 88 -8.43 -6.96 -29.39
N ASN B 89 -9.25 -7.77 -30.05
CA ASN B 89 -9.51 -9.17 -29.70
C ASN B 89 -10.26 -9.41 -28.39
N ARG B 90 -10.75 -8.37 -27.74
N ARG B 90 -10.71 -8.33 -27.75
CA ARG B 90 -11.46 -8.61 -26.49
CA ARG B 90 -11.36 -8.42 -26.43
C ARG B 90 -12.85 -7.96 -26.44
C ARG B 90 -12.81 -7.94 -26.44
N THR B 91 -13.18 -7.18 -27.46
CA THR B 91 -14.38 -6.32 -27.37
C THR B 91 -15.53 -6.63 -28.30
N LEU B 92 -16.74 -6.81 -27.74
CA LEU B 92 -17.96 -6.99 -28.53
C LEU B 92 -18.47 -5.60 -28.92
N PRO B 93 -19.11 -5.48 -30.09
CA PRO B 93 -19.73 -4.16 -30.39
C PRO B 93 -20.73 -3.83 -29.29
N GLY B 94 -20.87 -2.55 -29.00
CA GLY B 94 -21.86 -2.11 -28.02
C GLY B 94 -23.28 -2.49 -28.41
N MET B 95 -24.10 -2.60 -27.40
CA MET B 95 -25.46 -3.08 -27.56
C MET B 95 -26.45 -2.03 -27.12
N LEU B 96 -27.43 -1.78 -27.99
CA LEU B 96 -28.59 -0.93 -27.62
C LEU B 96 -29.72 -1.75 -27.05
N ASP B 97 -30.01 -1.55 -25.75
CA ASP B 97 -31.09 -2.27 -25.09
C ASP B 97 -32.32 -1.38 -25.31
N ILE B 98 -33.14 -1.78 -26.27
CA ILE B 98 -34.29 -1.01 -26.64
C ILE B 98 -35.58 -1.87 -26.57
N GLU B 99 -36.28 -1.79 -25.44
CA GLU B 99 -37.44 -2.58 -25.17
C GLU B 99 -38.30 -1.93 -24.05
N TYR B 100 -38.94 -2.76 -23.23
CA TYR B 100 -40.01 -2.23 -22.35
C TYR B 100 -39.59 -1.04 -21.47
N ASN B 101 -40.41 0.02 -21.48
CA ASN B 101 -40.16 1.17 -20.63
C ASN B 101 -40.45 0.84 -19.14
N PRO B 102 -39.39 0.82 -18.29
CA PRO B 102 -39.61 0.45 -16.90
C PRO B 102 -40.37 1.53 -16.14
N TYR B 103 -40.53 2.69 -16.77
CA TYR B 103 -41.06 3.86 -16.06
C TYR B 103 -42.55 4.13 -16.32
N GLY B 104 -43.23 3.18 -16.98
CA GLY B 104 -44.69 3.14 -16.96
C GLY B 104 -45.44 3.74 -18.13
N ALA B 105 -44.73 4.09 -19.21
CA ALA B 105 -45.40 4.64 -20.39
C ALA B 105 -45.10 3.77 -21.60
N THR B 106 -46.13 3.18 -22.20
N THR B 106 -46.13 3.18 -22.19
CA THR B 106 -45.92 2.22 -23.29
CA THR B 106 -45.88 2.25 -23.29
C THR B 106 -45.33 2.85 -24.57
C THR B 106 -45.20 2.95 -24.45
N CYS B 107 -44.24 2.25 -25.03
CA CYS B 107 -43.43 2.77 -26.16
C CYS B 107 -42.83 4.15 -25.94
N TYR B 108 -42.67 4.55 -24.66
CA TYR B 108 -42.02 5.80 -24.25
C TYR B 108 -42.81 7.01 -24.71
N GLY B 109 -44.04 6.78 -25.11
CA GLY B 109 -44.87 7.87 -25.64
C GLY B 109 -44.52 8.29 -27.08
N LEU B 110 -43.74 7.49 -27.80
CA LEU B 110 -43.40 7.77 -29.20
C LEU B 110 -44.23 6.95 -30.16
N SER B 111 -44.51 7.50 -31.34
CA SER B 111 -45.21 6.73 -32.38
C SER B 111 -44.24 5.76 -33.03
N HIS B 112 -44.75 4.88 -33.88
CA HIS B 112 -43.85 4.01 -34.66
C HIS B 112 -42.82 4.78 -35.43
N SER B 113 -43.21 5.87 -36.09
CA SER B 113 -42.26 6.58 -36.95
C SER B 113 -41.23 7.30 -36.09
N GLN B 114 -41.68 7.85 -34.96
CA GLN B 114 -40.77 8.56 -34.07
C GLN B 114 -39.76 7.58 -33.48
N MET B 115 -40.24 6.38 -33.19
CA MET B 115 -39.36 5.38 -32.54
C MET B 115 -38.35 4.85 -33.52
N VAL B 116 -38.83 4.53 -34.75
CA VAL B 116 -37.93 4.09 -35.81
C VAL B 116 -36.84 5.12 -36.07
N ALA B 117 -37.20 6.41 -36.16
CA ALA B 117 -36.20 7.45 -36.39
C ALA B 117 -35.21 7.50 -35.26
N TRP B 118 -35.70 7.38 -34.02
CA TRP B 118 -34.83 7.48 -32.83
C TRP B 118 -33.76 6.38 -32.91
N ILE B 119 -34.21 5.15 -33.21
CA ILE B 119 -33.31 4.00 -33.22
C ILE B 119 -32.31 4.13 -34.36
N HIS B 120 -32.77 4.55 -35.55
CA HIS B 120 -31.85 4.91 -36.64
C HIS B 120 -30.79 5.92 -36.20
N ASP B 121 -31.21 6.99 -35.52
N ASP B 121 -31.21 7.01 -35.55
CA ASP B 121 -30.32 8.03 -35.03
CA ASP B 121 -30.28 8.01 -35.00
C ASP B 121 -29.23 7.51 -34.06
C ASP B 121 -29.20 7.38 -34.15
N PHE B 122 -29.64 6.64 -33.14
CA PHE B 122 -28.70 6.04 -32.18
C PHE B 122 -27.71 5.15 -32.92
N VAL B 123 -28.26 4.25 -33.75
CA VAL B 123 -27.45 3.21 -34.40
C VAL B 123 -26.46 3.84 -35.39
N ASN B 124 -26.95 4.84 -36.11
CA ASN B 124 -26.09 5.60 -37.06
C ASN B 124 -24.94 6.33 -36.38
N GLU B 125 -25.25 6.96 -35.24
CA GLU B 125 -24.20 7.65 -34.47
C GLU B 125 -23.15 6.65 -33.97
N TYR B 126 -23.61 5.51 -33.47
CA TYR B 126 -22.71 4.47 -32.96
C TYR B 126 -21.78 4.00 -34.10
N HIS B 127 -22.37 3.72 -35.27
CA HIS B 127 -21.60 3.18 -36.42
C HIS B 127 -20.61 4.21 -36.94
N HIS B 128 -21.02 5.46 -36.99
CA HIS B 128 -20.13 6.55 -37.40
C HIS B 128 -18.92 6.66 -36.46
N ALA B 129 -19.17 6.57 -35.15
CA ALA B 129 -18.12 6.70 -34.14
C ALA B 129 -17.13 5.53 -34.12
N THR B 130 -17.64 4.32 -34.29
CA THR B 130 -16.80 3.16 -34.08
C THR B 130 -16.46 2.32 -35.30
N SER B 131 -17.14 2.57 -36.39
CA SER B 131 -17.12 1.74 -37.57
C SER B 131 -17.95 0.46 -37.51
N ARG B 132 -18.57 0.22 -36.38
CA ARG B 132 -19.35 -1.00 -36.20
C ARG B 132 -20.81 -0.64 -36.01
N TRP B 133 -21.69 -1.42 -36.63
CA TRP B 133 -23.11 -1.40 -36.28
C TRP B 133 -23.29 -2.02 -34.87
N PRO B 134 -24.05 -1.35 -34.01
CA PRO B 134 -24.27 -1.87 -32.67
C PRO B 134 -25.22 -3.03 -32.70
N MET B 135 -25.15 -3.89 -31.69
CA MET B 135 -26.18 -4.90 -31.51
C MET B 135 -27.46 -4.25 -31.03
N ILE B 136 -28.60 -4.84 -31.42
CA ILE B 136 -29.88 -4.33 -30.93
C ILE B 136 -30.51 -5.47 -30.10
N TYR B 137 -30.83 -5.17 -28.85
CA TYR B 137 -31.44 -6.11 -27.91
C TYR B 137 -32.90 -5.70 -27.76
N THR B 138 -33.80 -6.63 -28.03
CA THR B 138 -35.23 -6.34 -27.92
C THR B 138 -35.99 -7.65 -27.75
N THR B 139 -37.31 -7.55 -27.66
CA THR B 139 -38.16 -8.74 -27.82
C THR B 139 -39.00 -8.59 -29.09
N ALA B 140 -39.47 -9.72 -29.63
CA ALA B 140 -40.31 -9.65 -30.83
C ALA B 140 -41.59 -8.92 -30.50
N ASP B 141 -42.11 -9.12 -29.30
CA ASP B 141 -43.36 -8.45 -28.94
C ASP B 141 -43.17 -6.92 -28.89
N TRP B 142 -42.07 -6.50 -28.27
CA TRP B 142 -41.81 -5.06 -28.20
C TRP B 142 -41.60 -4.43 -29.58
N TRP B 143 -40.82 -5.11 -30.42
CA TRP B 143 -40.49 -4.59 -31.74
C TRP B 143 -41.75 -4.41 -32.58
N ASN B 144 -42.65 -5.38 -32.45
CA ASN B 144 -43.93 -5.31 -33.16
C ASN B 144 -44.79 -4.13 -32.67
N ARG B 145 -44.96 -4.03 -31.36
CA ARG B 145 -45.82 -3.01 -30.77
C ARG B 145 -45.25 -1.58 -30.97
N CYS B 146 -43.96 -1.39 -30.73
CA CYS B 146 -43.43 -0.01 -30.68
C CYS B 146 -42.78 0.50 -31.99
N THR B 147 -42.53 -0.39 -32.95
CA THR B 147 -41.97 0.02 -34.25
C THR B 147 -42.81 -0.42 -35.42
N GLY B 148 -43.89 -1.17 -35.16
CA GLY B 148 -44.72 -1.79 -36.21
C GLY B 148 -43.92 -2.87 -36.91
N ASN B 149 -43.09 -3.55 -36.13
CA ASN B 149 -42.23 -4.62 -36.64
C ASN B 149 -41.31 -4.13 -37.79
N ALA B 150 -40.71 -2.96 -37.58
CA ALA B 150 -40.00 -2.24 -38.62
C ALA B 150 -38.85 -3.05 -39.18
N LYS B 151 -38.72 -2.93 -40.49
CA LYS B 151 -37.55 -3.47 -41.18
C LYS B 151 -36.45 -2.41 -41.26
N GLY B 152 -35.30 -2.77 -41.82
CA GLY B 152 -34.22 -1.81 -42.06
C GLY B 152 -33.04 -1.86 -41.09
N PHE B 153 -33.10 -2.75 -40.09
CA PHE B 153 -31.97 -2.96 -39.17
C PHE B 153 -31.32 -4.34 -39.29
N GLY B 154 -32.05 -5.27 -39.90
CA GLY B 154 -31.74 -6.70 -39.85
C GLY B 154 -30.51 -7.16 -40.58
N ASP B 155 -30.11 -6.48 -41.64
CA ASP B 155 -28.89 -6.98 -42.27
C ASP B 155 -27.61 -6.34 -41.71
N LYS B 156 -27.75 -5.27 -40.94
CA LYS B 156 -26.59 -4.61 -40.33
C LYS B 156 -26.34 -4.76 -38.82
N CYS B 157 -27.40 -4.65 -38.03
CA CYS B 157 -27.24 -4.66 -36.58
C CYS B 157 -27.50 -6.08 -36.06
N PRO B 158 -26.48 -6.71 -35.41
CA PRO B 158 -26.76 -8.06 -34.85
C PRO B 158 -27.94 -8.04 -33.87
N LEU B 159 -28.86 -9.00 -33.98
CA LEU B 159 -30.00 -9.07 -33.07
C LEU B 159 -29.69 -9.87 -31.81
N VAL B 160 -29.97 -9.27 -30.65
CA VAL B 160 -29.96 -10.01 -29.37
C VAL B 160 -31.42 -10.13 -28.96
N LEU B 161 -31.96 -11.34 -29.00
CA LEU B 161 -33.40 -11.54 -28.86
C LEU B 161 -33.68 -12.18 -27.53
N ALA B 162 -34.48 -11.49 -26.70
CA ALA B 162 -34.87 -12.04 -25.41
C ALA B 162 -36.16 -12.83 -25.59
N ALA B 163 -36.12 -14.09 -25.17
CA ALA B 163 -37.31 -14.99 -25.24
C ALA B 163 -36.98 -16.14 -24.32
N TYR B 164 -37.62 -16.18 -23.15
CA TYR B 164 -37.21 -17.13 -22.14
C TYR B 164 -37.95 -18.39 -22.33
N SER B 165 -37.20 -19.35 -22.80
N SER B 165 -37.24 -19.40 -22.82
CA SER B 165 -37.72 -20.67 -23.04
CA SER B 165 -37.85 -20.69 -23.17
C SER B 165 -36.65 -21.68 -23.15
C SER B 165 -36.74 -21.69 -23.38
N SER B 166 -37.00 -22.97 -23.08
CA SER B 166 -36.05 -24.05 -23.32
C SER B 166 -35.62 -24.11 -24.80
N SER B 167 -36.51 -23.72 -25.73
CA SER B 167 -36.22 -23.78 -27.18
C SER B 167 -36.06 -22.41 -27.80
N PRO B 168 -35.15 -22.27 -28.79
CA PRO B 168 -34.95 -20.95 -29.38
C PRO B 168 -36.24 -20.40 -29.98
N PRO B 169 -36.37 -19.09 -30.03
CA PRO B 169 -37.54 -18.40 -30.55
C PRO B 169 -37.75 -18.63 -32.06
N LYS B 170 -38.99 -18.92 -32.43
CA LYS B 170 -39.35 -19.09 -33.82
C LYS B 170 -39.79 -17.76 -34.42
N THR B 171 -40.28 -16.85 -33.58
CA THR B 171 -40.69 -15.52 -34.05
C THR B 171 -39.52 -14.52 -34.03
N ILE B 172 -39.07 -14.15 -35.22
CA ILE B 172 -37.92 -13.28 -35.39
C ILE B 172 -38.42 -11.95 -35.90
N PRO B 173 -38.15 -10.84 -35.17
CA PRO B 173 -38.66 -9.51 -35.53
C PRO B 173 -38.08 -8.85 -36.79
N GLY B 174 -38.78 -7.83 -37.29
CA GLY B 174 -38.29 -6.99 -38.38
C GLY B 174 -37.87 -7.79 -39.61
N ASP B 175 -36.74 -7.37 -40.18
CA ASP B 175 -36.14 -8.15 -41.30
C ASP B 175 -34.84 -8.89 -40.89
N TRP B 176 -34.69 -9.13 -39.58
CA TRP B 176 -33.61 -10.06 -39.19
C TRP B 176 -33.91 -11.47 -39.68
N LYS B 177 -32.89 -12.18 -40.15
CA LYS B 177 -33.11 -13.60 -40.53
C LYS B 177 -33.06 -14.54 -39.33
N THR B 178 -32.21 -14.18 -38.36
CA THR B 178 -32.15 -14.92 -37.15
C THR B 178 -31.56 -14.05 -36.04
N TRP B 179 -31.54 -14.58 -34.84
CA TRP B 179 -30.83 -13.91 -33.76
C TRP B 179 -29.34 -14.19 -33.83
N THR B 180 -28.54 -13.20 -33.47
CA THR B 180 -27.10 -13.40 -33.28
C THR B 180 -26.80 -13.91 -31.89
N ILE B 181 -27.49 -13.36 -30.90
CA ILE B 181 -27.42 -13.87 -29.54
C ILE B 181 -28.86 -14.01 -29.02
N TRP B 182 -29.11 -15.08 -28.27
CA TRP B 182 -30.45 -15.33 -27.70
C TRP B 182 -30.35 -15.25 -26.22
N GLN B 183 -31.06 -14.30 -25.62
CA GLN B 183 -31.11 -14.21 -24.18
C GLN B 183 -32.20 -15.17 -23.72
N ASN B 184 -31.76 -16.31 -23.17
CA ASN B 184 -32.68 -17.43 -22.97
C ASN B 184 -33.24 -17.58 -21.58
N SER B 185 -32.69 -16.81 -20.63
N SER B 185 -32.69 -16.86 -20.61
CA SER B 185 -33.13 -16.89 -19.23
CA SER B 185 -33.24 -16.83 -19.27
C SER B 185 -32.68 -15.65 -18.46
C SER B 185 -32.81 -15.55 -18.57
N ASP B 186 -33.47 -15.24 -17.45
CA ASP B 186 -33.01 -14.21 -16.52
C ASP B 186 -32.38 -14.81 -15.24
N LYS B 187 -31.90 -16.06 -15.31
CA LYS B 187 -31.37 -16.77 -14.12
C LYS B 187 -30.02 -17.49 -14.39
N TYR B 188 -29.08 -16.77 -15.00
CA TYR B 188 -27.75 -17.32 -15.25
C TYR B 188 -27.06 -17.65 -13.91
N LYS B 189 -26.36 -18.80 -13.87
CA LYS B 189 -25.75 -19.34 -12.64
C LYS B 189 -24.88 -18.36 -11.87
N HIS B 190 -24.08 -17.56 -12.58
CA HIS B 190 -23.12 -16.66 -11.96
C HIS B 190 -23.61 -15.22 -11.91
N GLY B 191 -24.87 -15.02 -12.23
CA GLY B 191 -25.49 -13.70 -12.10
C GLY B 191 -26.05 -13.18 -13.41
N GLY B 192 -27.12 -12.40 -13.31
CA GLY B 192 -27.67 -11.78 -14.51
C GLY B 192 -28.44 -12.74 -15.38
N ASP B 193 -28.43 -12.45 -16.68
CA ASP B 193 -29.21 -13.18 -17.64
C ASP B 193 -28.29 -14.10 -18.49
N SER B 194 -28.84 -15.23 -18.95
CA SER B 194 -28.12 -16.18 -19.81
C SER B 194 -28.26 -15.79 -21.28
N ASP B 195 -27.16 -15.94 -22.01
CA ASP B 195 -27.16 -15.64 -23.43
C ASP B 195 -26.47 -16.78 -24.21
N LYS B 196 -26.94 -17.04 -25.42
CA LYS B 196 -26.27 -17.99 -26.29
C LYS B 196 -25.98 -17.32 -27.60
N PHE B 197 -24.71 -17.41 -28.01
CA PHE B 197 -24.29 -16.84 -29.28
C PHE B 197 -24.56 -17.89 -30.36
N ASN B 198 -25.03 -17.43 -31.51
CA ASN B 198 -25.46 -18.30 -32.63
C ASN B 198 -24.28 -18.63 -33.55
N GLY B 199 -23.45 -19.55 -33.10
CA GLY B 199 -22.28 -19.95 -33.89
C GLY B 199 -21.19 -20.49 -33.00
N PRO B 200 -20.09 -20.93 -33.62
CA PRO B 200 -18.89 -21.43 -32.95
C PRO B 200 -18.03 -20.27 -32.49
N MET B 201 -17.02 -20.55 -31.69
CA MET B 201 -16.10 -19.53 -31.22
C MET B 201 -15.45 -18.71 -32.33
N THR B 202 -15.10 -19.34 -33.44
CA THR B 202 -14.52 -18.58 -34.54
C THR B 202 -15.48 -17.48 -35.03
N GLN B 203 -16.79 -17.79 -35.08
CA GLN B 203 -17.78 -16.78 -35.45
C GLN B 203 -17.97 -15.72 -34.38
N LEU B 204 -17.90 -16.12 -33.12
CA LEU B 204 -17.95 -15.11 -32.02
C LEU B 204 -16.78 -14.11 -32.12
N ARG B 205 -15.60 -14.62 -32.41
CA ARG B 205 -14.43 -13.75 -32.57
CA ARG B 205 -14.45 -13.73 -32.57
C ARG B 205 -14.60 -12.78 -33.76
N LYS B 206 -15.35 -13.19 -34.75
CA LYS B 206 -15.63 -12.36 -35.91
C LYS B 206 -16.67 -11.28 -35.59
N LEU B 207 -17.61 -11.63 -34.74
CA LEU B 207 -18.50 -10.59 -34.21
C LEU B 207 -17.67 -9.52 -33.49
N ALA B 208 -16.69 -9.95 -32.71
CA ALA B 208 -15.82 -9.01 -31.98
C ALA B 208 -14.97 -8.13 -32.93
N SER B 209 -14.39 -8.76 -33.96
CA SER B 209 -13.45 -8.06 -34.82
C SER B 209 -14.18 -7.24 -35.89
N GLY B 210 -15.35 -7.69 -36.29
CA GLY B 210 -15.90 -7.21 -37.55
C GLY B 210 -15.14 -7.85 -38.70
N ALA C 1 -11.87 -22.74 8.84
CA ALA C 1 -12.33 -21.98 10.02
C ALA C 1 -13.85 -22.09 10.07
N THR C 2 -14.40 -22.04 11.26
CA THR C 2 -15.82 -22.20 11.34
C THR C 2 -16.48 -20.84 11.10
N THR C 3 -17.63 -20.93 10.43
CA THR C 3 -18.49 -19.78 10.20
C THR C 3 -19.87 -20.08 10.78
N VAL C 4 -20.71 -19.04 10.87
CA VAL C 4 -22.14 -19.20 11.19
C VAL C 4 -22.92 -18.63 10.01
N GLN C 5 -23.96 -19.35 9.60
CA GLN C 5 -24.82 -18.90 8.51
C GLN C 5 -25.79 -17.81 8.95
N GLY C 6 -25.96 -16.82 8.09
CA GLY C 6 -26.99 -15.80 8.29
C GLY C 6 -27.45 -15.24 6.95
N PHE C 7 -28.14 -14.12 6.97
CA PHE C 7 -28.70 -13.59 5.71
C PHE C 7 -29.14 -12.15 5.88
N ASP C 8 -29.51 -11.48 4.79
CA ASP C 8 -30.03 -10.14 4.93
C ASP C 8 -31.16 -9.92 3.95
N ILE C 9 -32.13 -9.12 4.36
CA ILE C 9 -33.37 -8.93 3.63
C ILE C 9 -33.84 -7.49 3.66
N SER C 10 -34.87 -7.18 2.86
CA SER C 10 -35.42 -5.84 2.78
C SER C 10 -36.85 -5.94 2.30
N ASN C 11 -37.44 -4.80 1.92
CA ASN C 11 -38.77 -4.84 1.33
C ASN C 11 -38.88 -5.64 0.02
N HIS C 12 -37.73 -5.99 -0.56
CA HIS C 12 -37.72 -6.87 -1.75
C HIS C 12 -38.25 -8.27 -1.44
N GLN C 13 -38.22 -8.62 -0.15
CA GLN C 13 -38.83 -9.84 0.37
C GLN C 13 -40.11 -9.47 1.11
N LYS C 14 -41.27 -9.75 0.52
CA LYS C 14 -42.55 -9.37 1.18
C LYS C 14 -42.86 -10.26 2.39
N SER C 15 -42.32 -11.47 2.38
CA SER C 15 -42.60 -12.50 3.38
C SER C 15 -41.35 -13.37 3.45
N VAL C 16 -40.90 -13.70 4.68
CA VAL C 16 -39.74 -14.58 4.85
C VAL C 16 -40.06 -15.68 5.84
N ASN C 17 -39.64 -16.89 5.51
CA ASN C 17 -39.87 -18.06 6.37
C ASN C 17 -38.69 -18.17 7.33
N PHE C 18 -38.76 -17.36 8.37
CA PHE C 18 -37.72 -17.32 9.39
C PHE C 18 -37.53 -18.69 10.07
N GLU C 19 -38.64 -19.38 10.32
N GLU C 19 -38.63 -19.39 10.34
CA GLU C 19 -38.58 -20.69 10.97
CA GLU C 19 -38.57 -20.71 10.99
C GLU C 19 -37.78 -21.70 10.16
C GLU C 19 -37.76 -21.70 10.16
N ALA C 20 -38.04 -21.77 8.85
CA ALA C 20 -37.30 -22.63 7.94
C ALA C 20 -35.85 -22.23 7.86
N ALA C 21 -35.59 -20.93 7.87
CA ALA C 21 -34.19 -20.47 7.84
C ALA C 21 -33.43 -20.97 9.07
N LYS C 22 -34.02 -20.77 10.26
CA LYS C 22 -33.42 -21.28 11.53
C LYS C 22 -33.20 -22.80 11.47
N LYS C 23 -34.17 -23.56 10.94
CA LYS C 23 -33.99 -25.02 10.83
C LYS C 23 -32.82 -25.42 9.90
N ASP C 24 -32.50 -24.57 8.95
CA ASP C 24 -31.41 -24.80 8.01
C ASP C 24 -30.09 -24.18 8.49
N GLY C 25 -30.10 -23.72 9.73
CA GLY C 25 -28.91 -23.22 10.41
C GLY C 25 -28.66 -21.73 10.36
N ALA C 26 -29.56 -20.95 9.74
CA ALA C 26 -29.39 -19.49 9.84
C ALA C 26 -29.54 -19.06 11.31
N GLN C 27 -28.63 -18.21 11.80
CA GLN C 27 -28.63 -17.75 13.18
C GLN C 27 -28.77 -16.23 13.33
N PHE C 28 -28.60 -15.51 12.22
CA PHE C 28 -28.69 -14.05 12.27
C PHE C 28 -29.22 -13.49 10.99
N VAL C 29 -29.86 -12.31 11.08
CA VAL C 29 -30.38 -11.61 9.91
C VAL C 29 -30.24 -10.10 10.03
N MET C 30 -29.77 -9.45 8.97
N MET C 30 -29.77 -9.44 8.97
CA MET C 30 -29.75 -7.99 8.90
CA MET C 30 -29.73 -7.97 8.92
C MET C 30 -30.93 -7.55 8.04
C MET C 30 -30.86 -7.50 8.03
N ILE C 31 -31.64 -6.55 8.50
CA ILE C 31 -32.92 -6.21 7.87
C ILE C 31 -32.94 -4.74 7.48
N LYS C 32 -33.25 -4.41 6.21
CA LYS C 32 -33.24 -3.01 5.82
C LYS C 32 -34.24 -2.17 6.64
N ALA C 33 -33.73 -1.12 7.24
CA ALA C 33 -34.56 -0.20 8.03
C ALA C 33 -34.89 1.09 7.29
N THR C 34 -33.86 1.72 6.70
CA THR C 34 -34.00 3.05 6.15
C THR C 34 -33.11 3.21 4.93
N GLU C 35 -33.47 4.18 4.10
CA GLU C 35 -32.64 4.60 2.98
C GLU C 35 -32.54 6.09 2.94
N GLY C 36 -31.32 6.59 2.84
CA GLY C 36 -31.11 8.04 2.79
C GLY C 36 -31.81 8.75 3.93
N THR C 37 -32.44 9.87 3.64
CA THR C 37 -33.23 10.55 4.66
C THR C 37 -34.71 10.32 4.35
N THR C 38 -34.96 9.78 3.17
CA THR C 38 -36.25 9.88 2.48
C THR C 38 -37.22 8.72 2.69
N TYR C 39 -36.73 7.58 3.19
N TYR C 39 -36.74 7.58 3.19
CA TYR C 39 -37.55 6.38 3.25
CA TYR C 39 -37.60 6.41 3.26
C TYR C 39 -37.28 5.44 4.41
C TYR C 39 -37.30 5.41 4.37
N LYS C 40 -38.36 5.05 5.11
CA LYS C 40 -38.30 4.01 6.13
C LYS C 40 -38.89 2.79 5.47
N ASP C 41 -38.16 1.67 5.45
CA ASP C 41 -38.59 0.44 4.76
C ASP C 41 -39.86 -0.11 5.46
N THR C 42 -40.96 -0.19 4.74
CA THR C 42 -42.24 -0.49 5.40
C THR C 42 -42.44 -1.97 5.75
N VAL C 43 -41.50 -2.82 5.34
CA VAL C 43 -41.58 -4.24 5.70
C VAL C 43 -40.68 -4.55 6.89
N PHE C 44 -39.87 -3.57 7.31
CA PHE C 44 -38.86 -3.81 8.36
C PHE C 44 -39.55 -4.37 9.60
N ASN C 45 -40.63 -3.72 10.05
CA ASN C 45 -41.25 -4.17 11.31
C ASN C 45 -41.72 -5.62 11.26
N SER C 46 -42.31 -6.02 10.13
CA SER C 46 -42.77 -7.39 9.98
C SER C 46 -41.63 -8.40 9.95
N HIS C 47 -40.55 -8.05 9.25
CA HIS C 47 -39.35 -8.87 9.23
C HIS C 47 -38.70 -8.98 10.62
N TYR C 48 -38.61 -7.85 11.30
CA TYR C 48 -37.96 -7.81 12.62
C TYR C 48 -38.74 -8.67 13.62
N THR C 49 -40.07 -8.55 13.59
CA THR C 49 -40.95 -9.39 14.40
C THR C 49 -40.79 -10.86 14.06
N GLY C 50 -40.86 -11.21 12.79
CA GLY C 50 -40.65 -12.60 12.37
C GLY C 50 -39.31 -13.17 12.83
N ALA C 51 -38.23 -12.41 12.61
CA ALA C 51 -36.89 -12.85 13.05
C ALA C 51 -36.86 -13.09 14.58
N THR C 52 -37.48 -12.18 15.33
CA THR C 52 -37.54 -12.25 16.78
C THR C 52 -38.27 -13.53 17.20
N LYS C 53 -39.44 -13.77 16.59
CA LYS C 53 -40.27 -14.93 16.90
C LYS C 53 -39.63 -16.27 16.55
N ALA C 54 -38.71 -16.26 15.58
CA ALA C 54 -37.93 -17.41 15.22
C ALA C 54 -36.67 -17.61 16.11
N GLY C 55 -36.37 -16.64 16.95
CA GLY C 55 -35.19 -16.63 17.81
C GLY C 55 -33.90 -16.45 17.01
N LEU C 56 -33.94 -15.59 16.00
CA LEU C 56 -32.69 -15.21 15.27
C LEU C 56 -32.14 -13.96 15.89
N LEU C 57 -30.80 -13.81 15.86
CA LEU C 57 -30.21 -12.53 16.16
C LEU C 57 -30.59 -11.68 14.99
N ARG C 58 -30.80 -10.39 15.21
CA ARG C 58 -31.20 -9.52 14.12
C ARG C 58 -30.77 -8.10 14.38
N GLY C 59 -30.55 -7.33 13.31
CA GLY C 59 -30.22 -5.91 13.40
C GLY C 59 -30.74 -5.20 12.16
N GLY C 60 -30.69 -3.88 12.17
CA GLY C 60 -31.15 -3.08 11.01
C GLY C 60 -29.98 -2.70 10.13
N TYR C 61 -30.28 -2.33 8.90
CA TYR C 61 -29.27 -1.68 8.05
C TYR C 61 -29.79 -0.44 7.34
N HIS C 62 -28.87 0.48 7.03
CA HIS C 62 -29.21 1.72 6.42
C HIS C 62 -28.57 1.80 5.03
N PHE C 63 -29.37 2.13 4.00
CA PHE C 63 -28.77 2.31 2.70
C PHE C 63 -28.36 3.76 2.56
N ALA C 64 -27.05 3.96 2.55
CA ALA C 64 -26.50 5.32 2.52
C ALA C 64 -26.83 6.10 1.25
N ARG C 65 -27.23 7.37 1.41
N ARG C 65 -27.19 7.37 1.39
CA ARG C 65 -27.25 8.32 0.30
CA ARG C 65 -27.20 8.25 0.22
C ARG C 65 -26.40 9.54 0.67
C ARG C 65 -26.42 9.53 0.54
N PRO C 66 -25.08 9.45 0.53
CA PRO C 66 -24.18 10.55 0.97
C PRO C 66 -24.41 11.91 0.28
N ASP C 67 -24.99 11.90 -0.92
CA ASP C 67 -25.27 13.14 -1.64
C ASP C 67 -26.46 13.93 -1.09
N LYS C 68 -27.30 13.29 -0.28
CA LYS C 68 -28.60 13.86 0.04
C LYS C 68 -28.69 14.61 1.38
N SER C 69 -27.74 14.36 2.28
CA SER C 69 -27.72 14.95 3.62
C SER C 69 -26.41 14.54 4.27
N THR C 70 -26.12 15.11 5.44
CA THR C 70 -24.91 14.76 6.20
C THR C 70 -24.96 13.34 6.75
N GLY C 71 -23.78 12.83 7.14
CA GLY C 71 -23.69 11.52 7.75
C GLY C 71 -24.43 11.41 9.08
N SER C 72 -24.30 12.41 9.94
N SER C 72 -24.29 12.41 9.94
CA SER C 72 -24.99 12.32 11.22
CA SER C 72 -24.99 12.35 11.22
C SER C 72 -26.53 12.36 11.03
C SER C 72 -26.52 12.35 11.02
N THR C 73 -27.02 13.14 10.06
CA THR C 73 -28.47 13.22 9.77
C THR C 73 -29.06 11.85 9.44
N GLN C 74 -28.35 11.12 8.58
CA GLN C 74 -28.76 9.78 8.21
C GLN C 74 -28.60 8.77 9.32
N ALA C 75 -27.54 8.89 10.14
CA ALA C 75 -27.41 8.04 11.30
C ALA C 75 -28.60 8.22 12.23
N LYS C 76 -29.00 9.47 12.46
CA LYS C 76 -30.11 9.73 13.38
C LYS C 76 -31.42 9.12 12.87
N PHE C 77 -31.63 9.17 11.55
CA PHE C 77 -32.84 8.68 10.91
C PHE C 77 -32.84 7.15 11.06
N PHE C 78 -31.68 6.54 10.79
CA PHE C 78 -31.52 5.08 10.93
C PHE C 78 -31.81 4.65 12.39
N LEU C 79 -31.12 5.27 13.34
CA LEU C 79 -31.26 4.93 14.78
C LEU C 79 -32.67 5.00 15.36
N LYS C 80 -33.45 5.94 14.85
CA LYS C 80 -34.81 6.13 15.34
C LYS C 80 -35.81 5.26 14.64
N ASN C 81 -35.40 4.63 13.55
CA ASN C 81 -36.32 3.85 12.75
C ASN C 81 -35.88 2.43 12.51
N GLY C 82 -35.18 1.82 13.47
CA GLY C 82 -34.90 0.39 13.37
C GLY C 82 -33.43 0.00 13.52
N GLY C 83 -32.57 0.99 13.49
CA GLY C 83 -31.14 0.74 13.52
C GLY C 83 -30.55 0.71 14.92
N GLY C 84 -31.42 0.89 15.91
CA GLY C 84 -31.01 0.90 17.32
C GLY C 84 -30.39 -0.40 17.81
N TRP C 85 -29.71 -0.32 18.95
CA TRP C 85 -29.03 -1.48 19.48
C TRP C 85 -29.07 -1.43 20.99
N SER C 86 -29.17 -2.61 21.59
CA SER C 86 -29.07 -2.78 23.03
C SER C 86 -28.45 -4.15 23.27
N ASP C 87 -27.81 -4.29 24.44
CA ASP C 87 -27.21 -5.56 24.79
C ASP C 87 -28.28 -6.44 25.43
N ASP C 88 -29.10 -7.08 24.59
CA ASP C 88 -30.28 -7.83 25.05
C ASP C 88 -30.27 -9.28 24.58
N ASN C 89 -29.10 -9.76 24.16
CA ASN C 89 -28.91 -11.08 23.61
C ASN C 89 -29.60 -11.36 22.23
N ARG C 90 -30.15 -10.33 21.61
CA ARG C 90 -30.92 -10.53 20.39
C ARG C 90 -30.43 -9.66 19.24
N THR C 91 -29.62 -8.64 19.55
CA THR C 91 -29.41 -7.55 18.59
C THR C 91 -28.01 -7.40 18.05
N LEU C 92 -27.93 -7.39 16.71
CA LEU C 92 -26.67 -7.09 16.03
C LEU C 92 -26.47 -5.58 15.99
N PRO C 93 -25.21 -5.11 15.98
CA PRO C 93 -25.02 -3.67 15.77
C PRO C 93 -25.55 -3.25 14.39
N GLY C 94 -26.09 -2.05 14.27
CA GLY C 94 -26.62 -1.52 12.98
C GLY C 94 -25.57 -1.60 11.89
N MET C 95 -26.01 -1.83 10.66
CA MET C 95 -25.07 -1.92 9.53
C MET C 95 -25.28 -0.74 8.58
N LEU C 96 -24.18 -0.08 8.23
CA LEU C 96 -24.17 0.97 7.21
C LEU C 96 -23.87 0.33 5.85
N ASP C 97 -24.86 0.36 4.96
CA ASP C 97 -24.68 -0.16 3.59
C ASP C 97 -24.20 1.04 2.75
N ILE C 98 -22.90 1.02 2.49
CA ILE C 98 -22.26 2.08 1.81
C ILE C 98 -21.48 1.54 0.61
N GLU C 99 -22.14 1.60 -0.53
CA GLU C 99 -21.61 1.11 -1.78
C GLU C 99 -22.35 1.74 -3.02
N TYR C 100 -22.39 1.00 -4.11
CA TYR C 100 -22.78 1.56 -5.38
C TYR C 100 -24.07 2.34 -5.43
N ASN C 101 -23.99 3.49 -6.06
CA ASN C 101 -25.14 4.38 -6.15
C ASN C 101 -26.06 3.87 -7.25
N PRO C 102 -27.26 3.38 -6.89
CA PRO C 102 -28.25 2.92 -7.90
C PRO C 102 -28.86 4.03 -8.72
N TYR C 103 -28.58 5.29 -8.39
CA TYR C 103 -29.29 6.40 -9.01
C TYR C 103 -28.39 7.05 -10.07
N GLY C 104 -27.25 6.38 -10.34
CA GLY C 104 -26.44 6.54 -11.57
C GLY C 104 -25.36 7.63 -11.61
N ALA C 105 -24.86 8.04 -10.44
CA ALA C 105 -23.81 9.06 -10.33
C ALA C 105 -22.69 8.48 -9.49
N THR C 106 -21.52 8.30 -10.08
CA THR C 106 -20.49 7.51 -9.41
CA THR C 106 -20.46 7.54 -9.43
C THR C 106 -20.03 8.19 -8.12
N CYS C 107 -19.90 7.37 -7.07
CA CYS C 107 -19.52 7.84 -5.72
C CYS C 107 -20.43 8.93 -5.18
N TYR C 108 -21.66 8.95 -5.65
CA TYR C 108 -22.67 9.93 -5.22
C TYR C 108 -22.24 11.38 -5.50
N GLY C 109 -21.27 11.52 -6.37
CA GLY C 109 -20.84 12.85 -6.74
C GLY C 109 -19.91 13.48 -5.72
N LEU C 110 -19.56 12.74 -4.64
CA LEU C 110 -18.63 13.21 -3.61
C LEU C 110 -17.19 12.92 -3.97
N SER C 111 -16.28 13.81 -3.55
CA SER C 111 -14.85 13.58 -3.64
C SER C 111 -14.51 12.56 -2.57
N HIS C 112 -13.31 12.02 -2.66
CA HIS C 112 -12.86 11.07 -1.64
C HIS C 112 -12.93 11.72 -0.28
N SER C 113 -12.48 12.99 -0.18
CA SER C 113 -12.44 13.63 1.13
C SER C 113 -13.83 13.88 1.70
N GLN C 114 -14.77 14.24 0.81
CA GLN C 114 -16.17 14.46 1.25
C GLN C 114 -16.77 13.14 1.69
N MET C 115 -16.42 12.07 0.98
CA MET C 115 -16.94 10.72 1.31
C MET C 115 -16.38 10.16 2.64
N VAL C 116 -15.07 10.29 2.82
CA VAL C 116 -14.49 9.93 4.13
C VAL C 116 -15.12 10.70 5.30
N ALA C 117 -15.27 12.02 5.14
CA ALA C 117 -15.94 12.84 6.19
C ALA C 117 -17.35 12.39 6.47
N TRP C 118 -18.08 12.11 5.38
CA TRP C 118 -19.45 11.63 5.52
C TRP C 118 -19.54 10.32 6.32
N ILE C 119 -18.73 9.34 5.93
CA ILE C 119 -18.76 8.05 6.63
C ILE C 119 -18.32 8.15 8.09
N HIS C 120 -17.26 8.90 8.39
CA HIS C 120 -16.92 9.24 9.80
C HIS C 120 -18.12 9.84 10.54
N ASP C 121 -18.77 10.83 9.96
CA ASP C 121 -19.92 11.46 10.60
C ASP C 121 -21.01 10.46 10.95
N PHE C 122 -21.34 9.57 10.02
CA PHE C 122 -22.38 8.57 10.25
C PHE C 122 -21.97 7.60 11.38
N VAL C 123 -20.77 7.06 11.25
CA VAL C 123 -20.30 6.01 12.15
C VAL C 123 -20.12 6.60 13.58
N ASN C 124 -19.65 7.84 13.64
CA ASN C 124 -19.42 8.53 14.93
C ASN C 124 -20.73 8.82 15.64
N GLU C 125 -21.72 9.29 14.87
CA GLU C 125 -23.06 9.51 15.45
C GLU C 125 -23.68 8.22 15.95
N TYR C 126 -23.51 7.14 15.19
CA TYR C 126 -24.04 5.83 15.59
C TYR C 126 -23.40 5.37 16.92
N HIS C 127 -22.08 5.52 16.99
CA HIS C 127 -21.36 5.10 18.19
C HIS C 127 -21.76 5.98 19.37
N HIS C 128 -21.92 7.29 19.15
CA HIS C 128 -22.37 8.20 20.22
C HIS C 128 -23.72 7.74 20.81
N ALA C 129 -24.62 7.27 19.96
CA ALA C 129 -25.99 6.97 20.40
C ALA C 129 -26.09 5.62 21.07
N THR C 130 -25.37 4.63 20.58
CA THR C 130 -25.51 3.28 21.04
C THR C 130 -24.40 2.69 21.86
N SER C 131 -23.22 3.28 21.80
CA SER C 131 -21.99 2.74 22.35
C SER C 131 -21.29 1.70 21.46
N ARG C 132 -21.85 1.43 20.29
CA ARG C 132 -21.29 0.45 19.39
C ARG C 132 -20.84 1.07 18.09
N TRP C 133 -19.79 0.55 17.54
CA TRP C 133 -19.40 0.94 16.20
C TRP C 133 -20.27 0.14 15.25
N PRO C 134 -20.91 0.80 14.29
CA PRO C 134 -21.75 0.07 13.32
C PRO C 134 -20.89 -0.81 12.41
N MET C 135 -21.53 -1.83 11.85
CA MET C 135 -20.85 -2.63 10.80
C MET C 135 -20.83 -1.81 9.51
N ILE C 136 -19.79 -1.97 8.71
CA ILE C 136 -19.74 -1.31 7.40
C ILE C 136 -19.81 -2.37 6.32
N TYR C 137 -20.85 -2.26 5.50
CA TYR C 137 -21.06 -3.16 4.36
C TYR C 137 -20.64 -2.48 3.07
N THR C 138 -19.73 -3.13 2.34
CA THR C 138 -19.22 -2.54 1.12
C THR C 138 -18.57 -3.64 0.26
N THR C 139 -18.07 -3.26 -0.90
CA THR C 139 -17.16 -4.14 -1.65
C THR C 139 -15.77 -3.52 -1.63
N ALA C 140 -14.76 -4.35 -1.82
CA ALA C 140 -13.39 -3.83 -1.84
C ALA C 140 -13.23 -2.80 -2.99
N ASP C 141 -13.82 -3.12 -4.13
CA ASP C 141 -13.77 -2.27 -5.29
C ASP C 141 -14.36 -0.87 -5.01
N TRP C 142 -15.53 -0.80 -4.34
CA TRP C 142 -16.23 0.46 -4.10
C TRP C 142 -15.42 1.27 -3.11
N TRP C 143 -14.94 0.61 -2.08
CA TRP C 143 -14.16 1.31 -1.06
C TRP C 143 -12.91 1.91 -1.65
N ASN C 144 -12.27 1.19 -2.56
CA ASN C 144 -11.10 1.72 -3.23
C ASN C 144 -11.48 2.95 -4.11
N ARG C 145 -12.52 2.82 -4.93
N ARG C 145 -12.53 2.82 -4.93
CA ARG C 145 -12.85 3.88 -5.92
CA ARG C 145 -12.88 3.87 -5.89
C ARG C 145 -13.44 5.14 -5.27
C ARG C 145 -13.39 5.14 -5.22
N CYS C 146 -14.19 4.97 -4.17
CA CYS C 146 -14.98 6.09 -3.63
C CYS C 146 -14.45 6.68 -2.34
N THR C 147 -13.48 6.00 -1.69
CA THR C 147 -12.87 6.57 -0.46
C THR C 147 -11.37 6.69 -0.54
N GLY C 148 -10.83 6.25 -1.68
CA GLY C 148 -9.38 6.18 -1.87
C GLY C 148 -8.82 5.07 -1.00
N ASN C 149 -9.61 4.02 -0.82
CA ASN C 149 -9.22 2.88 0.00
C ASN C 149 -8.88 3.34 1.41
N ALA C 150 -9.75 4.17 1.98
CA ALA C 150 -9.44 4.89 3.22
C ALA C 150 -9.17 3.96 4.41
N LYS C 151 -8.18 4.35 5.22
CA LYS C 151 -7.94 3.68 6.50
C LYS C 151 -8.77 4.37 7.58
N GLY C 152 -8.66 3.92 8.83
CA GLY C 152 -9.26 4.67 9.92
C GLY C 152 -10.59 4.11 10.38
N PHE C 153 -11.06 3.03 9.74
CA PHE C 153 -12.32 2.36 10.17
C PHE C 153 -12.13 0.89 10.58
N GLY C 154 -11.00 0.32 10.23
CA GLY C 154 -10.81 -1.07 10.39
C GLY C 154 -10.59 -1.65 11.77
N ASP C 155 -10.06 -0.86 12.66
CA ASP C 155 -9.90 -1.33 13.98
C ASP C 155 -11.20 -1.43 14.71
N LYS C 156 -12.14 -0.57 14.45
CA LYS C 156 -13.31 -0.49 15.25
CA LYS C 156 -13.30 -0.46 15.30
C LYS C 156 -14.63 -1.03 14.59
N CYS C 157 -14.82 -0.83 13.30
CA CYS C 157 -16.09 -1.13 12.69
C CYS C 157 -16.04 -2.50 12.03
N PRO C 158 -16.91 -3.38 12.41
CA PRO C 158 -16.86 -4.71 11.77
C PRO C 158 -17.14 -4.62 10.29
N LEU C 159 -16.38 -5.35 9.49
CA LEU C 159 -16.55 -5.23 8.05
C LEU C 159 -17.47 -6.35 7.57
N VAL C 160 -18.45 -5.94 6.75
CA VAL C 160 -19.30 -6.88 6.03
C VAL C 160 -18.94 -6.79 4.57
N LEU C 161 -18.26 -7.81 4.06
CA LEU C 161 -17.69 -7.71 2.72
C LEU C 161 -18.43 -8.52 1.66
N ALA C 162 -18.89 -7.85 0.62
CA ALA C 162 -19.64 -8.54 -0.44
C ALA C 162 -18.64 -8.97 -1.49
N ALA C 163 -18.62 -10.28 -1.75
CA ALA C 163 -17.69 -10.83 -2.76
C ALA C 163 -18.30 -12.21 -3.11
N TYR C 164 -18.96 -12.32 -4.27
CA TYR C 164 -19.81 -13.50 -4.55
C TYR C 164 -19.01 -14.59 -5.20
N SER C 165 -18.88 -15.69 -4.47
CA SER C 165 -17.93 -16.73 -4.84
C SER C 165 -18.07 -17.87 -3.88
N SER C 166 -17.51 -19.03 -4.26
N SER C 166 -17.48 -19.01 -4.25
CA SER C 166 -17.44 -20.20 -3.38
CA SER C 166 -17.45 -20.20 -3.41
C SER C 166 -16.35 -20.12 -2.31
C SER C 166 -16.26 -20.28 -2.46
N SER C 167 -15.29 -19.37 -2.60
CA SER C 167 -14.18 -19.20 -1.63
C SER C 167 -14.20 -17.78 -1.05
N PRO C 168 -13.73 -17.62 0.19
CA PRO C 168 -13.83 -16.33 0.87
C PRO C 168 -12.94 -15.27 0.20
N PRO C 169 -13.24 -13.98 0.47
CA PRO C 169 -12.58 -12.87 -0.23
C PRO C 169 -11.08 -12.80 0.04
N LYS C 170 -10.34 -12.48 -0.99
CA LYS C 170 -8.92 -12.35 -0.88
C LYS C 170 -8.50 -10.92 -0.69
N THR C 171 -9.23 -10.00 -1.25
CA THR C 171 -8.83 -8.66 -1.10
C THR C 171 -9.71 -7.93 -0.10
N ILE C 172 -9.02 -7.39 0.89
CA ILE C 172 -9.63 -6.79 2.05
C ILE C 172 -9.36 -5.32 1.98
N PRO C 173 -10.38 -4.49 2.07
CA PRO C 173 -10.20 -3.05 1.86
C PRO C 173 -9.64 -2.28 3.07
N GLY C 174 -9.21 -1.05 2.83
CA GLY C 174 -8.81 -0.11 3.90
C GLY C 174 -7.75 -0.70 4.81
N ASP C 175 -7.92 -0.54 6.11
CA ASP C 175 -6.98 -1.12 7.09
C ASP C 175 -7.65 -2.24 7.91
N TRP C 176 -8.76 -2.78 7.41
CA TRP C 176 -9.31 -3.99 8.00
C TRP C 176 -8.30 -5.15 7.89
N LYS C 177 -8.18 -5.92 8.98
CA LYS C 177 -7.39 -7.16 8.95
C LYS C 177 -8.14 -8.25 8.17
N THR C 178 -9.45 -8.36 8.39
CA THR C 178 -10.26 -9.31 7.67
C THR C 178 -11.71 -8.92 7.86
N TRP C 179 -12.59 -9.69 7.25
CA TRP C 179 -14.01 -9.44 7.30
C TRP C 179 -14.58 -10.02 8.61
N THR C 180 -15.67 -9.44 9.07
CA THR C 180 -16.47 -9.98 10.18
C THR C 180 -17.61 -10.83 9.62
N ILE C 181 -18.23 -10.37 8.53
CA ILE C 181 -19.26 -11.12 7.84
C ILE C 181 -18.94 -11.02 6.37
N TRP C 182 -19.11 -12.14 5.68
CA TRP C 182 -18.87 -12.24 4.23
C TRP C 182 -20.23 -12.48 3.58
N GLN C 183 -20.65 -11.55 2.71
CA GLN C 183 -21.85 -11.74 1.95
C GLN C 183 -21.47 -12.49 0.70
N ASN C 184 -21.77 -13.78 0.69
CA ASN C 184 -21.12 -14.72 -0.26
C ASN C 184 -21.97 -14.96 -1.48
N SER C 185 -23.24 -14.54 -1.42
CA SER C 185 -24.17 -14.68 -2.54
CA SER C 185 -24.16 -14.65 -2.56
C SER C 185 -25.34 -13.70 -2.42
N ASP C 186 -25.98 -13.42 -3.55
CA ASP C 186 -27.17 -12.57 -3.57
C ASP C 186 -28.43 -13.43 -3.76
N LYS C 187 -28.28 -14.72 -3.48
CA LYS C 187 -29.36 -15.70 -3.70
C LYS C 187 -29.53 -16.69 -2.54
N TYR C 188 -29.77 -16.18 -1.35
CA TYR C 188 -30.02 -17.10 -0.23
C TYR C 188 -31.35 -17.88 -0.39
N LYS C 189 -31.33 -19.17 -0.08
CA LYS C 189 -32.51 -20.00 -0.30
C LYS C 189 -33.76 -19.54 0.42
N HIS C 190 -33.63 -18.85 1.54
CA HIS C 190 -34.83 -18.38 2.23
C HIS C 190 -35.10 -16.90 2.10
N GLY C 191 -34.54 -16.28 1.06
CA GLY C 191 -34.81 -14.86 0.81
C GLY C 191 -33.57 -13.99 0.92
N GLY C 192 -33.47 -12.97 0.06
CA GLY C 192 -32.36 -12.01 0.15
C GLY C 192 -30.99 -12.57 -0.15
N ASP C 193 -29.98 -12.04 0.57
CA ASP C 193 -28.60 -12.39 0.32
C ASP C 193 -28.10 -13.33 1.41
N SER C 194 -27.11 -14.13 1.07
CA SER C 194 -26.46 -15.04 2.00
C SER C 194 -25.27 -14.39 2.69
N ASP C 195 -25.16 -14.61 3.99
CA ASP C 195 -24.05 -14.10 4.79
C ASP C 195 -23.41 -15.15 5.66
N LYS C 196 -22.09 -15.02 5.85
CA LYS C 196 -21.35 -15.95 6.71
C LYS C 196 -20.58 -15.17 7.77
N PHE C 197 -20.83 -15.44 9.05
CA PHE C 197 -20.08 -14.78 10.09
C PHE C 197 -18.75 -15.51 10.30
N ASN C 198 -17.70 -14.73 10.43
CA ASN C 198 -16.33 -15.25 10.59
C ASN C 198 -16.03 -15.75 11.99
N GLY C 199 -16.38 -17.01 12.26
CA GLY C 199 -16.11 -17.60 13.57
C GLY C 199 -17.29 -18.38 14.07
N PRO C 200 -17.16 -18.95 15.28
CA PRO C 200 -18.20 -19.79 15.85
C PRO C 200 -19.32 -18.97 16.54
N MET C 201 -20.37 -19.68 16.97
CA MET C 201 -21.52 -19.04 17.60
C MET C 201 -21.18 -18.19 18.85
N THR C 202 -20.23 -18.67 19.65
CA THR C 202 -19.80 -17.89 20.81
C THR C 202 -19.29 -16.50 20.43
N GLN C 203 -18.56 -16.39 19.31
CA GLN C 203 -18.04 -15.07 18.82
C GLN C 203 -19.15 -14.21 18.22
N LEU C 204 -20.10 -14.86 17.55
CA LEU C 204 -21.26 -14.12 17.01
C LEU C 204 -22.02 -13.44 18.17
N ARG C 205 -22.20 -14.17 19.27
CA ARG C 205 -22.80 -13.58 20.46
C ARG C 205 -22.02 -12.41 21.05
N LYS C 206 -20.69 -12.45 20.93
CA LYS C 206 -19.86 -11.30 21.31
C LYS C 206 -19.98 -10.14 20.32
N LEU C 207 -20.22 -10.41 19.04
CA LEU C 207 -20.58 -9.32 18.12
C LEU C 207 -21.86 -8.60 18.57
N ALA C 208 -22.85 -9.38 19.00
CA ALA C 208 -24.12 -8.80 19.45
C ALA C 208 -23.97 -7.99 20.73
N SER C 209 -23.18 -8.51 21.69
CA SER C 209 -23.09 -7.88 23.02
C SER C 209 -22.12 -6.71 23.07
N GLY C 210 -21.03 -6.84 22.30
CA GLY C 210 -19.91 -5.90 22.39
C GLY C 210 -18.99 -6.37 23.52
N THR D 2 0.72 38.32 8.71
CA THR D 2 -0.62 37.65 8.56
C THR D 2 -0.70 36.25 9.21
N THR D 3 -1.68 36.09 10.10
CA THR D 3 -1.84 34.82 10.85
C THR D 3 -3.33 34.45 10.97
N VAL D 4 -3.57 33.16 11.20
CA VAL D 4 -4.87 32.62 11.57
C VAL D 4 -4.80 32.11 13.04
N GLN D 5 -5.78 32.49 13.85
CA GLN D 5 -5.87 32.05 15.25
C GLN D 5 -6.23 30.59 15.39
N GLY D 6 -5.56 29.92 16.31
CA GLY D 6 -5.93 28.57 16.73
C GLY D 6 -5.63 28.37 18.19
N PHE D 7 -5.71 27.12 18.61
CA PHE D 7 -5.43 26.79 20.00
C PHE D 7 -5.15 25.34 20.18
N ASP D 8 -4.74 24.97 21.40
CA ASP D 8 -4.49 23.56 21.69
C ASP D 8 -4.94 23.25 23.11
N ILE D 9 -5.41 22.01 23.30
CA ILE D 9 -6.12 21.64 24.52
C ILE D 9 -5.85 20.19 24.84
N SER D 10 -6.24 19.77 26.05
CA SER D 10 -5.97 18.38 26.51
C SER D 10 -7.00 18.14 27.60
N ASN D 11 -6.85 17.02 28.31
CA ASN D 11 -7.69 16.80 29.49
C ASN D 11 -7.65 17.91 30.57
N HIS D 12 -6.66 18.80 30.50
CA HIS D 12 -6.62 19.95 31.41
C HIS D 12 -7.83 20.86 31.21
N GLN D 13 -8.46 20.74 30.06
CA GLN D 13 -9.72 21.43 29.74
C GLN D 13 -10.84 20.40 29.75
N LYS D 14 -11.72 20.48 30.75
CA LYS D 14 -12.81 19.52 30.78
C LYS D 14 -13.86 19.75 29.72
N SER D 15 -13.99 21.01 29.29
CA SER D 15 -15.08 21.42 28.45
C SER D 15 -14.61 22.67 27.74
N VAL D 16 -14.85 22.68 26.44
CA VAL D 16 -14.46 23.83 25.63
C VAL D 16 -15.61 24.33 24.79
N ASN D 17 -15.84 25.64 24.77
CA ASN D 17 -16.84 26.12 23.85
C ASN D 17 -16.26 26.38 22.46
N PHE D 18 -16.25 25.33 21.63
CA PHE D 18 -15.72 25.42 20.25
C PHE D 18 -16.48 26.40 19.34
N GLU D 19 -17.79 26.47 19.54
CA GLU D 19 -18.64 27.48 18.88
C GLU D 19 -18.15 28.90 19.11
N ALA D 20 -17.92 29.28 20.37
CA ALA D 20 -17.47 30.64 20.70
C ALA D 20 -16.03 30.91 20.20
N ALA D 21 -15.20 29.87 20.21
CA ALA D 21 -13.86 29.98 19.64
C ALA D 21 -13.98 30.26 18.14
N LYS D 22 -14.81 29.49 17.43
CA LYS D 22 -14.98 29.68 15.99
C LYS D 22 -15.48 31.11 15.76
N LYS D 23 -16.51 31.52 16.53
CA LYS D 23 -17.07 32.87 16.40
C LYS D 23 -16.02 33.95 16.65
N ASP D 24 -15.06 33.66 17.53
CA ASP D 24 -13.98 34.60 17.86
C ASP D 24 -12.78 34.52 16.87
N GLY D 25 -12.92 33.74 15.80
CA GLY D 25 -11.86 33.65 14.80
C GLY D 25 -10.92 32.47 14.86
N ALA D 26 -11.06 31.60 15.87
CA ALA D 26 -10.24 30.35 15.88
C ALA D 26 -10.64 29.48 14.69
N GLN D 27 -9.66 28.94 13.97
CA GLN D 27 -9.95 28.11 12.81
C GLN D 27 -9.38 26.70 12.95
N PHE D 28 -8.52 26.48 13.96
CA PHE D 28 -7.97 25.12 14.13
C PHE D 28 -7.66 24.87 15.59
N VAL D 29 -7.52 23.57 15.92
CA VAL D 29 -7.27 23.20 17.32
C VAL D 29 -6.52 21.90 17.29
N MET D 30 -5.44 21.82 18.09
CA MET D 30 -4.71 20.54 18.25
C MET D 30 -5.13 20.01 19.61
N ILE D 31 -5.37 18.70 19.68
CA ILE D 31 -6.03 18.09 20.84
C ILE D 31 -5.20 16.95 21.31
N LYS D 32 -4.84 16.95 22.60
CA LYS D 32 -4.01 15.81 23.06
C LYS D 32 -4.74 14.47 22.91
N ALA D 33 -4.05 13.50 22.31
CA ALA D 33 -4.60 12.15 22.12
C ALA D 33 -3.98 11.13 23.02
N THR D 34 -2.65 11.11 23.04
CA THR D 34 -1.91 10.05 23.70
C THR D 34 -0.67 10.58 24.35
N GLU D 35 -0.10 9.76 25.24
CA GLU D 35 1.19 10.06 25.83
C GLU D 35 1.92 8.76 26.07
N GLY D 36 3.22 8.75 25.79
CA GLY D 36 4.02 7.53 26.04
C GLY D 36 3.46 6.32 25.30
N THR D 37 3.49 5.17 25.98
CA THR D 37 3.10 3.92 25.32
C THR D 37 1.69 3.46 25.63
N THR D 38 1.08 3.94 26.72
CA THR D 38 -0.19 3.38 27.17
C THR D 38 -1.26 4.42 27.51
N TYR D 39 -0.87 5.70 27.63
CA TYR D 39 -1.79 6.74 28.16
C TYR D 39 -2.67 7.29 27.06
N LYS D 40 -3.99 7.16 27.19
CA LYS D 40 -4.90 7.86 26.26
C LYS D 40 -5.55 9.02 26.98
N ASP D 41 -5.49 10.23 26.41
CA ASP D 41 -6.13 11.36 27.05
C ASP D 41 -7.64 11.13 26.94
N THR D 42 -8.33 11.03 28.09
CA THR D 42 -9.76 10.59 28.09
C THR D 42 -10.78 11.68 27.71
N VAL D 43 -10.27 12.88 27.43
CA VAL D 43 -11.12 13.98 26.89
C VAL D 43 -10.97 14.14 25.36
N PHE D 44 -10.00 13.45 24.77
CA PHE D 44 -9.73 13.59 23.34
C PHE D 44 -11.02 13.44 22.53
N ASN D 45 -11.79 12.37 22.76
CA ASN D 45 -12.96 12.10 21.93
C ASN D 45 -13.98 13.23 22.06
N SER D 46 -14.23 13.71 23.28
CA SER D 46 -15.20 14.81 23.39
C SER D 46 -14.72 16.06 22.71
N HIS D 47 -13.44 16.37 22.84
CA HIS D 47 -12.91 17.57 22.21
C HIS D 47 -12.94 17.43 20.70
N TYR D 48 -12.57 16.26 20.22
CA TYR D 48 -12.44 16.07 18.78
C TYR D 48 -13.82 16.17 18.14
N THR D 49 -14.82 15.59 18.83
CA THR D 49 -16.23 15.68 18.40
C THR D 49 -16.73 17.11 18.40
N GLY D 50 -16.44 17.84 19.47
CA GLY D 50 -16.88 19.23 19.61
C GLY D 50 -16.22 20.13 18.56
N ALA D 51 -14.91 19.95 18.40
CA ALA D 51 -14.20 20.64 17.34
C ALA D 51 -14.85 20.45 15.98
N THR D 52 -15.18 19.21 15.63
CA THR D 52 -15.70 18.82 14.31
C THR D 52 -17.07 19.48 14.11
N LYS D 53 -17.94 19.35 15.11
CA LYS D 53 -19.29 19.94 15.08
C LYS D 53 -19.26 21.45 14.89
N ALA D 54 -18.27 22.11 15.48
CA ALA D 54 -18.15 23.55 15.33
C ALA D 54 -17.52 23.98 14.01
N GLY D 55 -17.01 23.03 13.22
CA GLY D 55 -16.41 23.34 11.93
C GLY D 55 -14.98 23.88 12.00
N LEU D 56 -14.24 23.48 13.02
CA LEU D 56 -12.81 23.77 13.14
C LEU D 56 -11.99 22.70 12.46
N LEU D 57 -10.90 23.10 11.81
CA LEU D 57 -9.87 22.09 11.48
C LEU D 57 -9.31 21.55 12.81
N ARG D 58 -8.97 20.27 12.88
CA ARG D 58 -8.47 19.73 14.15
C ARG D 58 -7.50 18.59 13.86
N GLY D 59 -6.59 18.37 14.79
CA GLY D 59 -5.73 17.17 14.74
C GLY D 59 -5.36 16.77 16.15
N GLY D 60 -4.80 15.58 16.29
CA GLY D 60 -4.35 15.07 17.59
C GLY D 60 -2.89 15.40 17.81
N TYR D 61 -2.47 15.28 19.08
CA TYR D 61 -1.03 15.33 19.38
C TYR D 61 -0.60 14.24 20.36
N HIS D 62 0.67 13.88 20.28
CA HIS D 62 1.22 12.83 21.13
C HIS D 62 2.28 13.46 22.04
N PHE D 63 2.16 13.26 23.35
CA PHE D 63 3.20 13.72 24.22
C PHE D 63 4.29 12.62 24.26
N ALA D 64 5.46 12.91 23.68
CA ALA D 64 6.55 11.90 23.61
C ALA D 64 7.13 11.49 24.96
N ARG D 65 7.40 10.22 25.15
CA ARG D 65 8.26 9.79 26.26
C ARG D 65 9.40 8.90 25.71
N PRO D 66 10.43 9.53 25.19
CA PRO D 66 11.39 8.73 24.44
C PRO D 66 12.15 7.65 25.21
N ASP D 67 12.11 7.69 26.54
CA ASP D 67 12.75 6.63 27.38
C ASP D 67 11.96 5.35 27.53
N LYS D 68 10.70 5.41 27.13
CA LYS D 68 9.78 4.34 27.35
C LYS D 68 9.63 3.30 26.22
N SER D 69 10.04 3.65 25.01
CA SER D 69 9.92 2.79 23.87
C SER D 69 10.56 3.39 22.65
N THR D 70 10.47 2.72 21.53
CA THR D 70 11.05 3.30 20.34
C THR D 70 10.09 4.40 19.78
N GLY D 71 10.61 5.23 18.88
CA GLY D 71 9.77 6.26 18.26
C GLY D 71 8.68 5.60 17.44
N SER D 72 9.05 4.52 16.74
CA SER D 72 8.09 3.84 15.91
C SER D 72 6.89 3.32 16.70
N THR D 73 7.16 2.72 17.86
CA THR D 73 6.13 2.17 18.70
C THR D 73 5.15 3.25 19.15
N GLN D 74 5.66 4.40 19.54
CA GLN D 74 4.77 5.47 20.01
C GLN D 74 4.01 6.10 18.84
N ALA D 75 4.64 6.19 17.68
CA ALA D 75 3.88 6.64 16.48
C ALA D 75 2.70 5.70 16.21
N LYS D 76 2.90 4.39 16.29
CA LYS D 76 1.79 3.46 16.08
C LYS D 76 0.68 3.69 17.12
N PHE D 77 1.08 3.89 18.36
CA PHE D 77 0.11 4.05 19.47
C PHE D 77 -0.74 5.30 19.23
N PHE D 78 -0.07 6.39 18.88
CA PHE D 78 -0.72 7.68 18.58
C PHE D 78 -1.67 7.53 17.39
N LEU D 79 -1.18 6.86 16.32
CA LEU D 79 -1.97 6.63 15.09
C LEU D 79 -3.27 5.87 15.29
N LYS D 80 -3.26 4.95 16.26
CA LYS D 80 -4.40 4.09 16.57
C LYS D 80 -5.41 4.72 17.50
N ASN D 81 -5.06 5.88 18.05
CA ASN D 81 -5.82 6.41 19.16
C ASN D 81 -6.02 7.90 19.05
N GLY D 82 -6.19 8.37 17.81
CA GLY D 82 -6.57 9.78 17.60
C GLY D 82 -5.61 10.58 16.73
N GLY D 83 -4.42 10.05 16.51
CA GLY D 83 -3.43 10.74 15.69
C GLY D 83 -3.45 10.41 14.22
N GLY D 84 -4.40 9.56 13.81
CA GLY D 84 -4.60 9.23 12.42
C GLY D 84 -4.83 10.46 11.56
N TRP D 85 -4.38 10.41 10.33
CA TRP D 85 -4.71 11.42 9.35
C TRP D 85 -5.44 10.79 8.18
N SER D 86 -6.53 11.45 7.83
CA SER D 86 -7.32 11.29 6.57
C SER D 86 -7.54 12.60 5.84
N ASP D 87 -7.44 12.63 4.52
CA ASP D 87 -7.79 13.86 3.91
C ASP D 87 -9.27 13.79 3.88
N ASP D 88 -9.92 14.43 4.84
CA ASP D 88 -11.34 14.59 4.91
C ASP D 88 -11.71 16.06 4.95
N ASN D 89 -10.80 16.86 4.50
CA ASN D 89 -10.90 18.31 4.55
C ASN D 89 -10.98 18.90 5.96
N ARG D 90 -10.69 18.08 6.96
CA ARG D 90 -10.90 18.52 8.33
C ARG D 90 -9.68 18.35 9.20
N THR D 91 -8.70 17.57 8.75
CA THR D 91 -7.74 17.01 9.71
C THR D 91 -6.35 17.57 9.51
N LEU D 92 -5.78 18.10 10.58
CA LEU D 92 -4.39 18.51 10.59
C LEU D 92 -3.51 17.27 10.75
N PRO D 93 -2.31 17.30 10.16
CA PRO D 93 -1.39 16.18 10.40
C PRO D 93 -1.09 16.08 11.88
N GLY D 94 -0.97 14.88 12.40
CA GLY D 94 -0.78 14.76 13.87
C GLY D 94 0.50 15.41 14.31
N MET D 95 0.51 15.87 15.56
CA MET D 95 1.65 16.66 16.09
C MET D 95 2.38 15.85 17.16
N LEU D 96 3.68 15.71 16.98
CA LEU D 96 4.57 15.15 18.01
C LEU D 96 5.02 16.27 18.94
N ASP D 97 4.56 16.18 20.18
CA ASP D 97 4.98 17.08 21.28
C ASP D 97 6.26 16.50 21.89
N ILE D 98 7.39 17.09 21.50
CA ILE D 98 8.68 16.57 21.91
C ILE D 98 9.48 17.70 22.57
N GLU D 99 9.39 17.75 23.88
CA GLU D 99 10.05 18.78 24.64
C GLU D 99 10.22 18.32 26.12
N TYR D 100 10.15 19.29 27.04
CA TYR D 100 10.60 19.01 28.42
C TYR D 100 9.97 17.80 29.10
N ASN D 101 10.83 16.93 29.62
CA ASN D 101 10.37 15.75 30.37
C ASN D 101 9.76 16.10 31.71
N PRO D 102 8.46 15.86 31.87
CA PRO D 102 7.77 16.22 33.11
C PRO D 102 8.08 15.28 34.25
N TYR D 103 8.82 14.21 33.98
CA TYR D 103 9.01 13.13 34.95
C TYR D 103 10.38 13.25 35.65
N GLY D 104 11.07 14.37 35.34
CA GLY D 104 12.25 14.85 36.09
C GLY D 104 13.65 14.36 35.69
N ALA D 105 13.81 13.79 34.50
CA ALA D 105 15.13 13.33 34.01
C ALA D 105 15.47 14.14 32.75
N THR D 106 16.57 14.90 32.73
CA THR D 106 16.78 15.77 31.57
C THR D 106 17.01 14.99 30.27
N CYS D 107 16.36 15.46 29.21
CA CYS D 107 16.36 14.82 27.89
C CYS D 107 15.96 13.36 27.92
N TYR D 108 15.17 12.96 28.94
CA TYR D 108 14.68 11.59 29.03
C TYR D 108 15.84 10.58 29.16
N GLY D 109 17.00 11.07 29.58
CA GLY D 109 18.19 10.20 29.72
C GLY D 109 18.75 9.64 28.41
N LEU D 110 18.40 10.27 27.30
CA LEU D 110 18.94 9.97 25.97
C LEU D 110 20.02 10.95 25.56
N SER D 111 21.06 10.45 24.88
CA SER D 111 22.03 11.31 24.23
C SER D 111 21.42 12.01 23.00
N HIS D 112 22.13 13.00 22.49
CA HIS D 112 21.74 13.71 21.29
C HIS D 112 21.41 12.75 20.17
N SER D 113 22.29 11.79 19.90
CA SER D 113 22.08 10.96 18.72
C SER D 113 20.96 9.95 18.95
N GLN D 114 20.82 9.44 20.20
CA GLN D 114 19.71 8.55 20.54
C GLN D 114 18.38 9.29 20.37
N MET D 115 18.38 10.57 20.74
CA MET D 115 17.16 11.41 20.64
C MET D 115 16.80 11.70 19.19
N VAL D 116 17.79 12.13 18.41
CA VAL D 116 17.62 12.34 16.96
C VAL D 116 17.11 11.05 16.32
N ALA D 117 17.71 9.93 16.69
CA ALA D 117 17.31 8.64 16.13
C ALA D 117 15.86 8.33 16.47
N TRP D 118 15.48 8.64 17.71
CA TRP D 118 14.11 8.41 18.19
C TRP D 118 13.09 9.24 17.40
N ILE D 119 13.36 10.53 17.25
CA ILE D 119 12.45 11.47 16.54
C ILE D 119 12.32 11.10 15.06
N HIS D 120 13.43 10.89 14.35
CA HIS D 120 13.32 10.22 13.02
C HIS D 120 12.46 8.95 12.96
N ASP D 121 12.63 8.03 13.91
CA ASP D 121 11.87 6.79 13.91
C ASP D 121 10.36 7.10 14.02
N PHE D 122 10.00 8.03 14.91
CA PHE D 122 8.59 8.40 15.09
C PHE D 122 8.00 9.02 13.79
N VAL D 123 8.73 10.00 13.27
N VAL D 123 8.69 10.04 13.28
CA VAL D 123 8.31 10.81 12.13
CA VAL D 123 8.26 10.79 12.12
C VAL D 123 8.21 9.97 10.85
C VAL D 123 8.10 9.84 10.92
N ASN D 124 9.12 8.99 10.71
CA ASN D 124 9.12 8.10 9.55
C ASN D 124 7.96 7.11 9.57
N GLU D 125 7.68 6.55 10.75
CA GLU D 125 6.59 5.63 10.94
C GLU D 125 5.28 6.38 10.68
N TYR D 126 5.20 7.63 11.18
CA TYR D 126 4.02 8.45 10.99
C TYR D 126 3.79 8.68 9.49
N HIS D 127 4.83 9.06 8.78
CA HIS D 127 4.74 9.37 7.35
C HIS D 127 4.47 8.09 6.55
N HIS D 128 5.09 6.99 6.95
CA HIS D 128 4.80 5.71 6.29
C HIS D 128 3.35 5.29 6.42
N ALA D 129 2.77 5.46 7.61
CA ALA D 129 1.39 5.13 7.87
C ALA D 129 0.39 6.07 7.17
N THR D 130 0.71 7.35 7.04
CA THR D 130 -0.31 8.35 6.66
C THR D 130 -0.07 9.05 5.33
N SER D 131 1.15 8.97 4.80
CA SER D 131 1.60 9.80 3.64
CA SER D 131 1.61 9.81 3.66
C SER D 131 1.97 11.23 4.08
N ARG D 132 1.71 11.56 5.35
CA ARG D 132 1.99 12.92 5.87
C ARG D 132 3.12 12.93 6.89
N TRP D 133 4.01 13.92 6.77
CA TRP D 133 4.97 14.20 7.83
C TRP D 133 4.20 14.83 8.97
N PRO D 134 4.38 14.31 10.18
CA PRO D 134 3.74 14.94 11.36
C PRO D 134 4.33 16.33 11.69
N MET D 135 3.60 17.16 12.44
CA MET D 135 4.14 18.41 12.90
C MET D 135 5.03 18.13 14.11
N ILE D 136 6.06 18.95 14.35
CA ILE D 136 6.92 18.78 15.52
C ILE D 136 6.70 19.98 16.41
N TYR D 137 6.30 19.76 17.65
CA TYR D 137 6.12 20.86 18.60
C TYR D 137 7.27 20.81 19.59
N THR D 138 7.99 21.92 19.73
CA THR D 138 9.11 21.99 20.64
C THR D 138 9.44 23.45 21.00
N THR D 139 10.48 23.65 21.81
CA THR D 139 11.05 24.96 22.00
C THR D 139 12.45 24.97 21.38
N ALA D 140 12.93 26.15 20.98
CA ALA D 140 14.31 26.28 20.52
C ALA D 140 15.30 25.82 21.59
N ASP D 141 15.04 26.18 22.84
CA ASP D 141 15.94 25.84 23.96
C ASP D 141 16.01 24.33 24.13
N TRP D 142 14.85 23.66 24.09
CA TRP D 142 14.84 22.20 24.18
C TRP D 142 15.56 21.53 23.01
N TRP D 143 15.26 22.00 21.80
CA TRP D 143 15.83 21.39 20.63
C TRP D 143 17.37 21.49 20.64
N ASN D 144 17.86 22.63 21.11
N ASN D 144 17.90 22.64 21.08
CA ASN D 144 19.29 22.83 21.29
CA ASN D 144 19.35 22.80 21.30
C ASN D 144 19.90 21.87 22.30
C ASN D 144 19.86 21.75 22.29
N ARG D 145 19.32 21.81 23.50
CA ARG D 145 19.82 20.97 24.62
C ARG D 145 19.74 19.48 24.33
N CYS D 146 18.64 19.03 23.74
CA CYS D 146 18.37 17.60 23.68
C CYS D 146 18.68 16.91 22.36
N THR D 147 18.87 17.68 21.29
CA THR D 147 19.19 17.07 19.98
C THR D 147 20.48 17.66 19.43
N GLY D 148 21.03 18.64 20.13
CA GLY D 148 22.18 19.41 19.63
C GLY D 148 21.81 20.27 18.44
N ASN D 149 20.60 20.83 18.49
CA ASN D 149 20.05 21.63 17.41
C ASN D 149 20.04 20.91 16.06
N ALA D 150 19.53 19.70 16.07
CA ALA D 150 19.60 18.78 14.94
C ALA D 150 18.90 19.31 13.67
N LYS D 151 19.60 19.17 12.55
CA LYS D 151 19.02 19.50 11.25
C LYS D 151 18.35 18.27 10.70
N GLY D 152 17.74 18.34 9.51
CA GLY D 152 17.16 17.13 8.94
C GLY D 152 15.65 17.00 9.00
N PHE D 153 14.99 17.94 9.65
CA PHE D 153 13.51 17.87 9.79
C PHE D 153 12.77 19.02 9.14
N GLY D 154 13.49 20.13 8.94
CA GLY D 154 12.96 21.41 8.45
C GLY D 154 12.20 21.40 7.13
N ASP D 155 12.59 20.52 6.22
CA ASP D 155 11.96 20.49 4.90
C ASP D 155 10.77 19.51 4.83
N LYS D 156 10.46 18.89 5.98
CA LYS D 156 9.46 17.83 6.01
C LYS D 156 8.37 18.11 7.05
N CYS D 157 8.79 18.23 8.31
CA CYS D 157 7.80 18.34 9.41
C CYS D 157 7.52 19.80 9.70
N PRO D 158 6.24 20.24 9.58
CA PRO D 158 5.91 21.61 9.96
C PRO D 158 6.28 21.84 11.44
N LEU D 159 6.89 22.99 11.76
CA LEU D 159 7.30 23.29 13.12
C LEU D 159 6.18 24.01 13.86
N VAL D 160 5.84 23.53 15.05
CA VAL D 160 4.99 24.27 16.01
C VAL D 160 5.92 24.78 17.12
N LEU D 161 6.17 26.10 17.14
CA LEU D 161 7.23 26.65 18.00
C LEU D 161 6.62 27.35 19.18
N ALA D 162 6.93 26.88 20.37
CA ALA D 162 6.45 27.56 21.60
C ALA D 162 7.43 28.65 22.03
N ALA D 163 6.92 29.87 22.14
CA ALA D 163 7.74 31.03 22.54
C ALA D 163 6.79 32.14 22.92
N TYR D 164 6.61 32.38 24.22
CA TYR D 164 5.55 33.25 24.65
C TYR D 164 6.07 34.65 24.64
N SER D 165 5.48 35.44 23.75
CA SER D 165 5.93 36.80 23.55
C SER D 165 4.86 37.56 22.75
N SER D 166 4.90 38.89 22.80
CA SER D 166 3.98 39.71 21.99
C SER D 166 4.39 39.70 20.51
N SER D 167 5.65 39.38 20.22
CA SER D 167 6.09 39.27 18.83
C SER D 167 6.59 37.86 18.46
N PRO D 168 6.37 37.45 17.19
CA PRO D 168 6.76 36.10 16.78
C PRO D 168 8.25 35.88 16.95
N PRO D 169 8.64 34.64 17.23
CA PRO D 169 10.02 34.31 17.55
C PRO D 169 10.93 34.41 16.29
N LYS D 170 12.06 35.06 16.42
CA LYS D 170 13.08 35.04 15.37
C LYS D 170 14.10 33.90 15.49
N THR D 171 14.24 33.31 16.69
CA THR D 171 15.09 32.13 16.93
C THR D 171 14.32 30.85 16.58
N ILE D 172 14.68 30.26 15.45
CA ILE D 172 14.05 29.06 14.89
C ILE D 172 15.08 27.95 14.99
N PRO D 173 14.70 26.81 15.60
CA PRO D 173 15.60 25.65 15.76
C PRO D 173 15.93 24.94 14.45
N GLY D 174 16.97 24.08 14.51
CA GLY D 174 17.24 23.15 13.45
C GLY D 174 17.50 23.83 12.11
N ASP D 175 17.03 23.17 11.06
CA ASP D 175 17.11 23.77 9.73
C ASP D 175 15.71 24.26 9.25
N TRP D 176 14.77 24.44 10.18
CA TRP D 176 13.50 25.07 9.84
C TRP D 176 13.72 26.50 9.35
N LYS D 177 13.01 26.90 8.29
CA LYS D 177 13.13 28.26 7.73
C LYS D 177 12.28 29.18 8.55
N THR D 178 11.13 28.65 9.00
CA THR D 178 10.19 29.42 9.81
C THR D 178 9.29 28.46 10.61
N TRP D 179 8.51 29.02 11.52
CA TRP D 179 7.49 28.24 12.19
C TRP D 179 6.26 28.13 11.29
N THR D 180 5.59 27.00 11.37
CA THR D 180 4.28 26.84 10.70
C THR D 180 3.17 27.30 11.63
N ILE D 181 3.30 26.91 12.91
CA ILE D 181 2.39 27.38 13.96
C ILE D 181 3.25 27.90 15.10
N TRP D 182 2.80 29.00 15.69
CA TRP D 182 3.51 29.61 16.81
C TRP D 182 2.60 29.53 18.04
N GLN D 183 3.05 28.85 19.09
CA GLN D 183 2.26 28.88 20.31
C GLN D 183 2.72 30.07 21.11
N ASN D 184 1.86 31.09 21.16
CA ASN D 184 2.22 32.43 21.60
C ASN D 184 1.91 32.72 23.08
N SER D 185 1.10 31.85 23.69
CA SER D 185 0.76 31.97 25.13
C SER D 185 0.14 30.68 25.63
N ASP D 186 0.11 30.53 26.96
CA ASP D 186 -0.53 29.37 27.56
C ASP D 186 -1.89 29.75 28.16
N LYS D 187 -2.48 30.81 27.64
CA LYS D 187 -3.72 31.38 28.17
C LYS D 187 -4.73 31.79 27.11
N TYR D 188 -5.12 30.87 26.23
CA TYR D 188 -6.14 31.17 25.25
C TYR D 188 -7.50 31.43 25.91
N LYS D 189 -8.17 32.48 25.45
CA LYS D 189 -9.38 32.92 26.13
C LYS D 189 -10.50 31.88 26.17
N HIS D 190 -10.46 30.89 25.28
CA HIS D 190 -11.45 29.81 25.31
C HIS D 190 -10.92 28.48 25.82
N GLY D 191 -9.72 28.52 26.37
CA GLY D 191 -9.15 27.36 27.06
C GLY D 191 -7.87 26.91 26.37
N GLY D 192 -7.00 26.31 27.15
CA GLY D 192 -5.73 25.76 26.64
C GLY D 192 -4.77 26.87 26.24
N ASP D 193 -3.94 26.56 25.25
CA ASP D 193 -2.86 27.47 24.80
C ASP D 193 -3.27 28.15 23.50
N SER D 194 -2.82 29.39 23.28
CA SER D 194 -3.05 30.14 22.05
C SER D 194 -2.01 29.77 20.97
N ASP D 195 -2.47 29.63 19.73
CA ASP D 195 -1.60 29.33 18.58
C ASP D 195 -1.92 30.25 17.44
N LYS D 196 -0.88 30.57 16.64
CA LYS D 196 -1.06 31.33 15.43
C LYS D 196 -0.47 30.56 14.27
N PHE D 197 -1.27 30.36 13.23
CA PHE D 197 -0.76 29.73 12.01
C PHE D 197 -0.10 30.82 11.15
N ASN D 198 1.01 30.47 10.50
CA ASN D 198 1.80 31.42 9.69
C ASN D 198 1.25 31.49 8.27
N GLY D 199 0.35 32.44 8.05
CA GLY D 199 -0.30 32.64 6.74
C GLY D 199 -1.80 32.67 6.81
N PRO D 200 -2.45 32.73 5.65
CA PRO D 200 -3.91 32.84 5.58
C PRO D 200 -4.62 31.48 5.63
N MET D 201 -5.95 31.53 5.70
CA MET D 201 -6.77 30.34 5.83
C MET D 201 -6.54 29.42 4.63
N THR D 202 -6.28 29.99 3.47
CA THR D 202 -6.09 29.17 2.26
C THR D 202 -4.87 28.26 2.41
N GLN D 203 -3.82 28.78 3.06
CA GLN D 203 -2.61 27.99 3.33
C GLN D 203 -2.83 26.96 4.47
N LEU D 204 -3.58 27.34 5.48
CA LEU D 204 -3.91 26.40 6.56
C LEU D 204 -4.70 25.21 5.99
N ARG D 205 -5.64 25.47 5.06
CA ARG D 205 -6.35 24.38 4.39
C ARG D 205 -5.44 23.41 3.63
N LYS D 206 -4.38 23.93 3.01
CA LYS D 206 -3.37 23.09 2.35
C LYS D 206 -2.59 22.26 3.37
N LEU D 207 -2.39 22.80 4.56
CA LEU D 207 -1.73 22.02 5.62
C LEU D 207 -2.59 20.80 5.99
N ALA D 208 -3.91 21.01 6.05
CA ALA D 208 -4.83 19.92 6.29
C ALA D 208 -4.90 18.89 5.16
N SER D 209 -5.00 19.37 3.92
CA SER D 209 -5.24 18.43 2.82
C SER D 209 -3.97 17.72 2.36
N GLY D 210 -2.80 18.33 2.62
CA GLY D 210 -1.50 17.90 2.06
C GLY D 210 -1.34 18.19 0.57
N ALA E 1 12.01 1.44 12.85
CA ALA E 1 11.33 0.56 11.86
C ALA E 1 9.95 0.11 12.33
N THR E 2 9.08 -0.26 11.41
CA THR E 2 7.71 -0.67 11.80
C THR E 2 7.70 -2.06 12.47
N THR E 3 6.85 -2.27 13.49
CA THR E 3 6.74 -3.57 14.19
C THR E 3 5.29 -3.94 14.40
N VAL E 4 5.01 -5.20 14.69
CA VAL E 4 3.66 -5.60 15.03
C VAL E 4 3.73 -6.18 16.44
N GLN E 5 2.83 -5.71 17.29
CA GLN E 5 2.72 -6.19 18.68
C GLN E 5 2.22 -7.64 18.78
N GLY E 6 2.87 -8.44 19.63
CA GLY E 6 2.32 -9.72 20.06
C GLY E 6 2.77 -10.02 21.48
N PHE E 7 2.63 -11.28 21.88
CA PHE E 7 3.03 -11.64 23.24
C PHE E 7 3.22 -13.13 23.35
N ASP E 8 3.67 -13.60 24.50
CA ASP E 8 3.74 -15.06 24.71
C ASP E 8 3.39 -15.41 26.11
N ILE E 9 2.82 -16.60 26.25
CA ILE E 9 2.18 -17.01 27.47
C ILE E 9 2.43 -18.49 27.71
N SER E 10 2.12 -18.91 28.93
CA SER E 10 2.21 -20.29 29.36
C SER E 10 1.26 -20.48 30.54
N ASN E 11 1.38 -21.60 31.24
CA ASN E 11 0.59 -21.78 32.44
C ASN E 11 0.95 -20.79 33.57
N HIS E 12 1.99 -19.98 33.41
CA HIS E 12 2.19 -18.82 34.34
C HIS E 12 0.99 -17.85 34.30
N GLN E 13 0.30 -17.85 33.16
CA GLN E 13 -0.96 -17.12 33.00
C GLN E 13 -2.10 -18.13 33.01
N LYS E 14 -2.86 -18.16 34.10
CA LYS E 14 -3.98 -19.10 34.16
C LYS E 14 -5.12 -18.78 33.18
N SER E 15 -5.26 -17.51 32.88
CA SER E 15 -6.33 -17.04 32.02
C SER E 15 -5.79 -15.78 31.37
N VAL E 16 -6.16 -15.54 30.12
CA VAL E 16 -5.70 -14.36 29.36
C VAL E 16 -6.92 -13.74 28.67
N ASN E 17 -7.01 -12.43 28.71
CA ASN E 17 -8.04 -11.70 27.98
C ASN E 17 -7.54 -11.42 26.56
N PHE E 18 -7.70 -12.39 25.65
CA PHE E 18 -7.25 -12.21 24.27
C PHE E 18 -8.00 -11.11 23.54
N GLU E 19 -9.25 -10.91 23.93
CA GLU E 19 -10.09 -9.88 23.33
C GLU E 19 -9.51 -8.49 23.63
N ALA E 20 -9.10 -8.29 24.87
CA ALA E 20 -8.49 -7.02 25.27
C ALA E 20 -7.14 -6.84 24.60
N ALA E 21 -6.37 -7.94 24.48
CA ALA E 21 -5.07 -7.89 23.82
C ALA E 21 -5.21 -7.44 22.37
N LYS E 22 -6.17 -8.04 21.66
CA LYS E 22 -6.44 -7.77 20.23
C LYS E 22 -6.85 -6.33 20.10
N LYS E 23 -7.77 -5.91 20.96
CA LYS E 23 -8.21 -4.51 20.98
C LYS E 23 -7.03 -3.53 21.12
N ASP E 24 -6.03 -3.91 21.92
CA ASP E 24 -4.86 -3.08 22.18
C ASP E 24 -3.75 -3.18 21.15
N GLY E 25 -4.03 -3.89 20.08
CA GLY E 25 -3.10 -4.01 18.95
C GLY E 25 -2.30 -5.29 18.82
N ALA E 26 -2.44 -6.21 19.77
CA ALA E 26 -1.67 -7.47 19.69
C ALA E 26 -2.21 -8.29 18.49
N GLN E 27 -1.35 -8.92 17.71
CA GLN E 27 -1.86 -9.60 16.54
C GLN E 27 -1.44 -11.05 16.54
N PHE E 28 -0.52 -11.42 17.45
CA PHE E 28 -0.01 -12.82 17.48
C PHE E 28 0.36 -13.19 18.92
N VAL E 29 0.33 -14.50 19.20
CA VAL E 29 0.75 -14.97 20.51
C VAL E 29 1.39 -16.35 20.36
N MET E 30 2.51 -16.57 21.04
CA MET E 30 3.11 -17.88 21.13
C MET E 30 2.74 -18.46 22.48
N ILE E 31 2.34 -19.72 22.49
CA ILE E 31 1.77 -20.33 23.68
C ILE E 31 2.55 -21.58 24.04
N LYS E 32 2.97 -21.72 25.30
CA LYS E 32 3.78 -22.86 25.65
C LYS E 32 2.94 -24.15 25.52
N ALA E 33 3.46 -25.12 24.76
CA ALA E 33 2.76 -26.39 24.51
C ALA E 33 3.38 -27.53 25.33
N THR E 34 4.70 -27.64 25.26
CA THR E 34 5.39 -28.81 25.85
C THR E 34 6.73 -28.43 26.43
N GLU E 35 7.29 -29.31 27.26
CA GLU E 35 8.60 -29.12 27.82
C GLU E 35 9.27 -30.49 27.98
N GLY E 36 10.53 -30.57 27.58
CA GLY E 36 11.30 -31.80 27.80
C GLY E 36 10.63 -32.94 27.07
N THR E 37 10.60 -34.13 27.69
CA THR E 37 10.11 -35.31 26.97
C THR E 37 8.66 -35.72 27.28
N THR E 38 8.12 -35.21 28.38
CA THR E 38 6.89 -35.79 28.88
C THR E 38 5.91 -34.74 29.42
N TYR E 39 6.38 -33.50 29.60
CA TYR E 39 5.54 -32.45 30.22
C TYR E 39 4.67 -31.73 29.19
N LYS E 40 3.36 -31.71 29.41
CA LYS E 40 2.49 -30.89 28.59
C LYS E 40 2.02 -29.71 29.42
N ASP E 41 2.09 -28.49 28.87
CA ASP E 41 1.59 -27.35 29.61
C ASP E 41 0.05 -27.46 29.53
N THR E 42 -0.60 -27.63 30.67
CA THR E 42 -2.00 -28.01 30.65
C THR E 42 -2.97 -26.85 30.41
N VAL E 43 -2.42 -25.62 30.35
CA VAL E 43 -3.21 -24.44 29.99
C VAL E 43 -3.17 -24.21 28.47
N PHE E 44 -2.29 -24.96 27.77
CA PHE E 44 -2.11 -24.72 26.33
C PHE E 44 -3.43 -24.73 25.57
N ASN E 45 -4.25 -25.77 25.75
CA ASN E 45 -5.47 -25.89 24.98
C ASN E 45 -6.40 -24.70 25.22
N SER E 46 -6.54 -24.28 26.46
N SER E 46 -6.52 -24.31 26.48
CA SER E 46 -7.45 -23.17 26.73
CA SER E 46 -7.36 -23.19 26.85
C SER E 46 -6.90 -21.85 26.16
C SER E 46 -6.89 -21.91 26.14
N HIS E 47 -5.58 -21.67 26.18
CA HIS E 47 -4.98 -20.45 25.60
C HIS E 47 -5.11 -20.45 24.09
N TYR E 48 -4.91 -21.61 23.48
CA TYR E 48 -4.95 -21.71 22.01
C TYR E 48 -6.39 -21.46 21.53
N THR E 49 -7.37 -21.98 22.27
CA THR E 49 -8.76 -21.75 21.93
C THR E 49 -9.10 -20.27 22.11
N GLY E 50 -8.72 -19.74 23.26
CA GLY E 50 -8.94 -18.30 23.49
C GLY E 50 -8.33 -17.44 22.37
N ALA E 51 -7.08 -17.73 22.01
CA ALA E 51 -6.38 -16.96 20.95
C ALA E 51 -7.12 -17.08 19.63
N THR E 52 -7.58 -18.30 19.32
CA THR E 52 -8.30 -18.58 18.08
C THR E 52 -9.63 -17.80 18.02
N LYS E 53 -10.42 -17.86 19.10
CA LYS E 53 -11.72 -17.20 19.12
C LYS E 53 -11.56 -15.70 18.94
N ALA E 54 -10.49 -15.14 19.53
CA ALA E 54 -10.22 -13.70 19.49
C ALA E 54 -9.61 -13.19 18.16
N GLY E 55 -9.26 -14.11 17.25
CA GLY E 55 -8.73 -13.74 15.93
C GLY E 55 -7.26 -13.36 15.88
N LEU E 56 -6.48 -13.87 16.82
CA LEU E 56 -5.03 -13.67 16.79
C LEU E 56 -4.36 -14.77 15.99
N LEU E 57 -3.21 -14.49 15.38
CA LEU E 57 -2.34 -15.56 14.89
C LEU E 57 -1.80 -16.24 16.14
N ARG E 58 -1.56 -17.55 16.09
CA ARG E 58 -1.01 -18.21 17.27
C ARG E 58 -0.18 -19.37 16.85
N GLY E 59 0.73 -19.75 17.74
CA GLY E 59 1.54 -20.91 17.52
C GLY E 59 2.04 -21.44 18.84
N GLY E 60 2.60 -22.64 18.81
CA GLY E 60 3.03 -23.22 20.08
C GLY E 60 4.53 -23.15 20.24
N TYR E 61 5.00 -23.36 21.47
CA TYR E 61 6.44 -23.37 21.74
C TYR E 61 6.83 -24.51 22.66
N HIS E 62 8.04 -24.99 22.49
CA HIS E 62 8.54 -26.11 23.28
C HIS E 62 9.71 -25.63 24.12
N PHE E 63 9.67 -25.90 25.42
CA PHE E 63 10.83 -25.63 26.26
C PHE E 63 11.82 -26.82 26.17
N ALA E 64 12.92 -26.63 25.47
CA ALA E 64 13.98 -27.64 25.32
C ALA E 64 14.63 -28.10 26.65
N ARG E 65 14.80 -29.41 26.79
CA ARG E 65 15.69 -29.96 27.83
C ARG E 65 16.67 -30.96 27.14
N PRO E 66 17.77 -30.45 26.55
CA PRO E 66 18.65 -31.31 25.77
C PRO E 66 19.38 -32.38 26.60
N ASP E 67 19.41 -32.23 27.94
CA ASP E 67 20.05 -33.27 28.79
C ASP E 67 19.12 -34.47 29.02
N LYS E 68 17.90 -34.43 28.47
CA LYS E 68 16.87 -35.47 28.75
C LYS E 68 16.53 -36.43 27.61
N SER E 69 16.93 -36.12 26.38
CA SER E 69 16.59 -36.93 25.21
C SER E 69 17.30 -36.31 24.02
N THR E 70 17.19 -36.96 22.86
CA THR E 70 17.68 -36.39 21.61
C THR E 70 16.82 -35.19 21.22
N GLY E 71 17.35 -34.37 20.32
CA GLY E 71 16.58 -33.24 19.75
C GLY E 71 15.40 -33.71 18.93
N SER E 72 15.61 -34.79 18.19
CA SER E 72 14.56 -35.39 17.39
C SER E 72 13.34 -35.89 18.26
N THR E 73 13.63 -36.55 19.37
CA THR E 73 12.54 -37.04 20.25
C THR E 73 11.67 -35.90 20.79
N GLN E 74 12.34 -34.80 21.16
CA GLN E 74 11.57 -33.63 21.65
C GLN E 74 10.76 -32.92 20.58
N ALA E 75 11.28 -32.80 19.35
CA ALA E 75 10.46 -32.26 18.26
C ALA E 75 9.21 -33.11 18.03
N LYS E 76 9.37 -34.44 18.01
CA LYS E 76 8.22 -35.35 17.82
C LYS E 76 7.15 -35.08 18.88
N PHE E 77 7.59 -34.92 20.12
CA PHE E 77 6.69 -34.74 21.28
C PHE E 77 5.93 -33.41 21.11
N PHE E 78 6.67 -32.37 20.79
CA PHE E 78 6.12 -31.05 20.54
C PHE E 78 5.07 -31.09 19.42
N LEU E 79 5.41 -31.79 18.34
CA LEU E 79 4.56 -31.86 17.17
C LEU E 79 3.23 -32.56 17.49
N LYS E 80 3.25 -33.48 18.42
CA LYS E 80 2.01 -34.19 18.67
C LYS E 80 1.06 -33.47 19.59
N ASN E 81 1.57 -32.38 20.13
CA ASN E 81 0.93 -31.77 21.27
C ASN E 81 0.88 -30.27 21.24
N GLY E 82 0.69 -29.76 20.06
CA GLY E 82 0.48 -28.29 19.94
C GLY E 82 1.47 -27.55 19.06
N GLY E 83 2.59 -28.18 18.73
CA GLY E 83 3.58 -27.52 17.91
C GLY E 83 3.35 -27.60 16.40
N GLY E 84 2.22 -28.17 16.00
CA GLY E 84 1.89 -28.30 14.57
C GLY E 84 1.66 -26.97 13.87
N TRP E 85 1.65 -27.01 12.54
CA TRP E 85 1.55 -25.82 11.78
C TRP E 85 0.75 -26.20 10.52
N SER E 86 0.00 -25.25 10.04
CA SER E 86 -0.57 -25.32 8.69
C SER E 86 -0.66 -23.94 8.10
N ASP E 87 -0.81 -23.88 6.76
CA ASP E 87 -1.02 -22.59 6.10
C ASP E 87 -2.47 -22.14 6.09
N ASP E 88 -3.04 -21.97 7.28
CA ASP E 88 -4.46 -21.63 7.37
C ASP E 88 -4.64 -20.14 7.62
N ASN E 89 -3.54 -19.40 7.40
CA ASN E 89 -3.48 -17.97 7.69
C ASN E 89 -3.70 -17.64 9.19
N ARG E 90 -3.52 -18.63 10.06
CA ARG E 90 -3.78 -18.41 11.48
C ARG E 90 -2.65 -18.81 12.40
N THR E 91 -1.66 -19.51 11.85
CA THR E 91 -0.69 -20.29 12.60
C THR E 91 0.77 -19.88 12.36
N LEU E 92 1.47 -19.57 13.46
CA LEU E 92 2.87 -19.28 13.39
C LEU E 92 3.61 -20.61 13.37
N PRO E 93 4.81 -20.65 12.75
CA PRO E 93 5.63 -21.83 12.88
C PRO E 93 5.94 -22.08 14.37
N GLY E 94 6.03 -23.35 14.78
CA GLY E 94 6.38 -23.63 16.17
C GLY E 94 7.73 -23.05 16.58
N MET E 95 7.87 -22.77 17.87
CA MET E 95 9.07 -22.09 18.37
C MET E 95 9.84 -22.98 19.32
N LEU E 96 11.14 -23.09 19.11
CA LEU E 96 11.95 -23.83 20.05
C LEU E 96 12.57 -22.85 21.05
N ASP E 97 12.23 -23.03 22.33
CA ASP E 97 12.76 -22.22 23.43
C ASP E 97 14.00 -22.92 23.95
N ILE E 98 15.14 -22.42 23.53
CA ILE E 98 16.39 -23.02 23.87
C ILE E 98 17.27 -21.99 24.58
N GLU E 99 17.26 -22.09 25.87
CA GLU E 99 18.00 -21.22 26.74
C GLU E 99 18.25 -21.77 28.16
N TYR E 100 18.35 -20.89 29.12
CA TYR E 100 18.91 -21.31 30.44
C TYR E 100 18.22 -22.54 31.05
N ASN E 101 19.04 -23.50 31.46
CA ASN E 101 18.59 -24.74 32.10
C ASN E 101 18.08 -24.46 33.51
N PRO E 102 16.77 -24.64 33.76
CA PRO E 102 16.30 -24.35 35.12
C PRO E 102 16.54 -25.50 36.10
N TYR E 103 17.00 -26.65 35.64
CA TYR E 103 17.06 -27.81 36.53
C TYR E 103 18.44 -28.40 36.78
N GLY E 104 19.32 -28.29 35.80
CA GLY E 104 20.61 -29.00 35.84
C GLY E 104 21.83 -28.16 35.50
N ALA E 105 22.80 -28.79 34.85
CA ALA E 105 24.08 -28.20 34.60
C ALA E 105 23.95 -27.10 33.56
N THR E 106 24.84 -26.12 33.63
CA THR E 106 24.79 -25.08 32.63
C THR E 106 25.03 -25.72 31.27
N CYS E 107 24.33 -25.16 30.28
CA CYS E 107 24.34 -25.66 28.90
C CYS E 107 23.90 -27.11 28.82
N TYR E 108 23.11 -27.55 29.81
CA TYR E 108 22.56 -28.92 29.84
C TYR E 108 23.65 -30.01 29.81
N GLY E 109 24.87 -29.63 30.19
CA GLY E 109 26.02 -30.52 30.25
C GLY E 109 26.54 -30.96 28.90
N LEU E 110 26.18 -30.21 27.86
CA LEU E 110 26.57 -30.53 26.50
C LEU E 110 27.70 -29.62 26.08
N SER E 111 28.57 -30.13 25.23
CA SER E 111 29.66 -29.29 24.70
C SER E 111 29.01 -28.44 23.64
N HIS E 112 29.75 -27.45 23.15
CA HIS E 112 29.25 -26.63 22.05
C HIS E 112 28.82 -27.46 20.84
N SER E 113 29.67 -28.40 20.39
CA SER E 113 29.31 -29.22 19.20
C SER E 113 28.13 -30.15 19.47
N GLN E 114 28.03 -30.69 20.69
CA GLN E 114 26.87 -31.52 21.03
C GLN E 114 25.58 -30.71 21.07
N MET E 115 25.65 -29.50 21.60
CA MET E 115 24.48 -28.60 21.64
C MET E 115 24.03 -28.23 20.24
N VAL E 116 25.00 -27.89 19.38
CA VAL E 116 24.67 -27.49 18.01
C VAL E 116 23.95 -28.67 17.30
N ALA E 117 24.45 -29.89 17.52
CA ALA E 117 23.91 -31.07 16.88
C ALA E 117 22.50 -31.38 17.38
N TRP E 118 22.30 -31.14 18.67
CA TRP E 118 21.00 -31.32 19.28
C TRP E 118 19.97 -30.39 18.64
N ILE E 119 20.35 -29.13 18.51
CA ILE E 119 19.45 -28.13 17.96
C ILE E 119 19.17 -28.43 16.48
N HIS E 120 20.22 -28.80 15.73
CA HIS E 120 19.99 -29.24 14.35
C HIS E 120 18.99 -30.37 14.32
N ASP E 121 19.14 -31.34 15.21
CA ASP E 121 18.27 -32.51 15.21
C ASP E 121 16.79 -32.15 15.46
N PHE E 122 16.55 -31.28 16.44
CA PHE E 122 15.22 -30.75 16.68
C PHE E 122 14.64 -30.01 15.48
N VAL E 123 15.42 -29.07 14.96
CA VAL E 123 14.93 -28.19 13.92
C VAL E 123 14.70 -28.95 12.61
N ASN E 124 15.60 -29.90 12.31
CA ASN E 124 15.45 -30.74 11.10
C ASN E 124 14.24 -31.65 11.15
N GLU E 125 14.02 -32.30 12.30
CA GLU E 125 12.80 -33.10 12.52
C GLU E 125 11.55 -32.22 12.33
N TYR E 126 11.57 -31.02 12.93
CA TYR E 126 10.42 -30.11 12.81
C TYR E 126 10.08 -29.76 11.32
N HIS E 127 11.12 -29.35 10.60
CA HIS E 127 11.04 -29.03 9.17
C HIS E 127 10.53 -30.22 8.35
N HIS E 128 11.06 -31.40 8.62
CA HIS E 128 10.68 -32.59 7.86
C HIS E 128 9.18 -32.83 8.08
N ALA E 129 8.75 -32.71 9.34
CA ALA E 129 7.37 -32.98 9.68
C ALA E 129 6.36 -31.96 9.15
N THR E 130 6.74 -30.68 9.18
CA THR E 130 5.79 -29.64 8.87
C THR E 130 5.99 -28.86 7.58
N SER E 131 7.18 -28.94 7.03
CA SER E 131 7.58 -28.17 5.89
C SER E 131 8.19 -26.81 6.22
N ARG E 132 8.06 -26.45 7.48
CA ARG E 132 8.56 -25.17 7.96
C ARG E 132 9.73 -25.31 8.96
N TRP E 133 10.66 -24.37 8.90
CA TRP E 133 11.69 -24.21 9.94
C TRP E 133 11.01 -23.57 11.16
N PRO E 134 11.32 -24.11 12.35
CA PRO E 134 10.75 -23.53 13.53
C PRO E 134 11.48 -22.27 13.87
N MET E 135 10.83 -21.43 14.65
CA MET E 135 11.51 -20.29 15.24
C MET E 135 12.41 -20.77 16.34
N ILE E 136 13.51 -20.04 16.54
CA ILE E 136 14.45 -20.28 17.64
C ILE E 136 14.42 -19.09 18.63
N TYR E 137 14.02 -19.38 19.87
CA TYR E 137 13.99 -18.36 20.94
C TYR E 137 15.18 -18.53 21.87
N THR E 138 15.96 -17.47 22.06
CA THR E 138 17.18 -17.56 22.90
C THR E 138 17.60 -16.17 23.33
N THR E 139 18.67 -16.10 24.13
CA THR E 139 19.34 -14.81 24.39
C THR E 139 20.68 -14.87 23.69
N ALA E 140 21.23 -13.71 23.34
CA ALA E 140 22.58 -13.66 22.77
C ALA E 140 23.58 -14.29 23.75
N ASP E 141 23.41 -13.96 25.03
CA ASP E 141 24.28 -14.49 26.07
C ASP E 141 24.22 -16.01 26.09
N TRP E 142 23.03 -16.58 26.04
CA TRP E 142 22.97 -18.05 26.07
C TRP E 142 23.58 -18.65 24.82
N TRP E 143 23.23 -18.09 23.67
CA TRP E 143 23.75 -18.62 22.43
C TRP E 143 25.26 -18.56 22.42
N ASN E 144 25.84 -17.50 22.98
CA ASN E 144 27.30 -17.43 23.01
C ASN E 144 27.90 -18.55 23.88
N ARG E 145 27.39 -18.66 25.10
CA ARG E 145 28.01 -19.56 26.10
C ARG E 145 27.83 -21.01 25.67
N CYS E 146 26.63 -21.35 25.19
CA CYS E 146 26.27 -22.76 25.03
C CYS E 146 26.45 -23.32 23.62
N THR E 147 26.54 -22.44 22.63
CA THR E 147 26.87 -22.95 21.29
C THR E 147 28.20 -22.45 20.70
N GLY E 148 28.92 -21.59 21.43
CA GLY E 148 30.08 -20.86 20.88
C GLY E 148 29.65 -19.88 19.82
N ASN E 149 28.48 -19.26 20.04
CA ASN E 149 27.88 -18.34 19.10
C ASN E 149 27.79 -18.93 17.70
N ALA E 150 27.30 -20.15 17.63
CA ALA E 150 27.26 -20.94 16.41
C ALA E 150 26.49 -20.31 15.26
N LYS E 151 27.06 -20.46 14.07
CA LYS E 151 26.39 -20.10 12.85
C LYS E 151 25.58 -21.29 12.34
N GLY E 152 24.92 -21.15 11.18
CA GLY E 152 24.22 -22.27 10.49
C GLY E 152 22.72 -22.40 10.75
N PHE E 153 22.15 -21.51 11.55
CA PHE E 153 20.69 -21.49 11.68
C PHE E 153 20.05 -20.21 11.15
N GLY E 154 20.86 -19.19 10.92
CA GLY E 154 20.33 -17.86 10.65
C GLY E 154 19.61 -17.72 9.32
N ASP E 155 19.95 -18.55 8.34
CA ASP E 155 19.25 -18.50 7.06
C ASP E 155 17.96 -19.35 6.99
N LYS E 156 17.62 -20.02 8.07
CA LYS E 156 16.52 -20.93 8.05
C LYS E 156 15.48 -20.62 9.17
N CYS E 157 15.97 -20.53 10.40
CA CYS E 157 15.06 -20.42 11.57
C CYS E 157 14.88 -18.97 11.98
N PRO E 158 13.62 -18.45 11.95
CA PRO E 158 13.41 -17.09 12.47
C PRO E 158 13.88 -16.98 13.93
N LEU E 159 14.60 -15.90 14.23
CA LEU E 159 15.13 -15.71 15.58
C LEU E 159 14.13 -14.92 16.42
N VAL E 160 13.87 -15.42 17.62
CA VAL E 160 13.04 -14.70 18.62
C VAL E 160 14.04 -14.35 19.72
N LEU E 161 14.33 -13.06 19.87
CA LEU E 161 15.49 -12.70 20.66
C LEU E 161 15.04 -11.97 21.91
N ALA E 162 15.41 -12.48 23.07
CA ALA E 162 14.99 -11.88 24.34
C ALA E 162 16.01 -10.87 24.82
N ALA E 163 15.60 -9.64 25.05
CA ALA E 163 16.53 -8.62 25.49
C ALA E 163 15.73 -7.42 25.98
N TYR E 164 15.55 -7.32 27.28
CA TYR E 164 14.57 -6.42 27.85
C TYR E 164 15.06 -4.99 27.96
N SER E 165 14.44 -4.12 27.19
CA SER E 165 14.89 -2.74 26.95
C SER E 165 13.84 -1.89 26.26
N SER E 166 13.98 -0.56 26.38
CA SER E 166 13.17 0.34 25.57
CA SER E 166 13.16 0.33 25.56
C SER E 166 13.65 0.36 24.12
N SER E 167 14.89 -0.08 23.87
CA SER E 167 15.44 -0.14 22.51
C SER E 167 15.82 -1.57 22.09
N PRO E 168 15.68 -1.88 20.80
CA PRO E 168 15.95 -3.22 20.28
C PRO E 168 17.40 -3.58 20.44
N PRO E 169 17.69 -4.88 20.52
CA PRO E 169 19.00 -5.38 20.85
C PRO E 169 20.01 -5.04 19.78
N LYS E 170 21.21 -4.65 20.21
CA LYS E 170 22.27 -4.42 19.25
C LYS E 170 23.05 -5.71 18.95
N THR E 171 23.13 -6.63 19.89
CA THR E 171 23.94 -7.83 19.60
C THR E 171 23.03 -8.97 19.12
N ILE E 172 23.23 -9.33 17.85
CA ILE E 172 22.47 -10.38 17.22
C ILE E 172 23.35 -11.63 17.18
N PRO E 173 22.86 -12.73 17.74
CA PRO E 173 23.67 -13.94 17.81
C PRO E 173 23.90 -14.63 16.47
N GLY E 174 24.84 -15.57 16.49
CA GLY E 174 25.06 -16.47 15.35
C GLY E 174 25.29 -15.77 14.02
N ASP E 175 24.74 -16.34 12.97
CA ASP E 175 24.76 -15.70 11.66
C ASP E 175 23.39 -15.08 11.27
N TRP E 176 22.51 -14.87 12.26
CA TRP E 176 21.25 -14.20 11.96
C TRP E 176 21.52 -12.78 11.52
N LYS E 177 20.81 -12.33 10.49
CA LYS E 177 20.91 -10.94 9.98
C LYS E 177 20.25 -9.98 10.98
N THR E 178 19.10 -10.39 11.48
CA THR E 178 18.42 -9.64 12.54
C THR E 178 17.46 -10.56 13.24
N TRP E 179 16.74 -9.99 14.21
CA TRP E 179 15.67 -10.72 14.87
C TRP E 179 14.40 -10.67 14.02
N THR E 180 13.62 -11.74 14.07
CA THR E 180 12.28 -11.75 13.48
C THR E 180 11.24 -11.26 14.52
N ILE E 181 11.39 -11.70 15.75
CA ILE E 181 10.58 -11.21 16.85
C ILE E 181 11.54 -10.81 17.99
N TRP E 182 11.26 -9.67 18.61
CA TRP E 182 12.01 -9.23 19.80
C TRP E 182 11.09 -9.35 21.01
N GLN E 183 11.52 -10.09 22.03
CA GLN E 183 10.79 -10.16 23.30
C GLN E 183 11.36 -9.05 24.12
N ASN E 184 10.62 -7.95 24.24
CA ASN E 184 11.16 -6.70 24.80
C ASN E 184 10.91 -6.51 26.31
N SER E 185 10.02 -7.33 26.88
CA SER E 185 9.77 -7.31 28.32
CA SER E 185 9.75 -7.29 28.32
C SER E 185 9.14 -8.61 28.78
N ASP E 186 9.20 -8.84 30.08
CA ASP E 186 8.53 -9.97 30.68
C ASP E 186 7.28 -9.53 31.45
N LYS E 187 6.74 -8.37 31.10
CA LYS E 187 5.59 -7.81 31.78
C LYS E 187 4.57 -7.21 30.81
N TYR E 188 4.13 -8.03 29.85
CA TYR E 188 3.09 -7.59 28.90
C TYR E 188 1.80 -7.26 29.64
N LYS E 189 1.16 -6.17 29.22
CA LYS E 189 -0.07 -5.69 29.88
C LYS E 189 -1.15 -6.77 30.08
N HIS E 190 -1.31 -7.69 29.12
CA HIS E 190 -2.38 -8.68 29.23
C HIS E 190 -1.91 -10.05 29.64
N GLY E 191 -0.69 -10.10 30.15
CA GLY E 191 -0.15 -11.35 30.65
C GLY E 191 1.06 -11.81 29.85
N GLY E 192 1.98 -12.45 30.56
CA GLY E 192 3.18 -13.03 29.94
C GLY E 192 4.15 -11.96 29.45
N ASP E 193 4.90 -12.31 28.42
CA ASP E 193 5.98 -11.47 27.91
C ASP E 193 5.55 -10.74 26.67
N SER E 194 6.06 -9.53 26.51
CA SER E 194 5.79 -8.70 25.31
C SER E 194 6.70 -9.10 24.15
N ASP E 195 6.15 -9.09 22.94
CA ASP E 195 6.97 -9.37 21.72
C ASP E 195 6.70 -8.36 20.61
N LYS E 196 7.74 -7.99 19.87
CA LYS E 196 7.57 -7.16 18.68
C LYS E 196 8.01 -7.94 17.45
N PHE E 197 7.10 -8.10 16.48
CA PHE E 197 7.52 -8.65 15.18
C PHE E 197 8.18 -7.58 14.32
N ASN E 198 9.29 -7.97 13.70
CA ASN E 198 10.11 -7.09 12.82
C ASN E 198 9.55 -6.92 11.42
N GLY E 199 8.66 -5.95 11.28
CA GLY E 199 8.07 -5.66 9.97
C GLY E 199 6.58 -5.37 10.03
N PRO E 200 5.96 -5.13 8.87
CA PRO E 200 4.55 -4.80 8.84
C PRO E 200 3.69 -6.09 8.82
N MET E 201 2.39 -5.91 9.06
CA MET E 201 1.44 -7.01 9.03
C MET E 201 1.60 -7.93 7.79
N THR E 202 1.89 -7.36 6.63
CA THR E 202 2.04 -8.21 5.46
C THR E 202 3.17 -9.22 5.63
N GLN E 203 4.26 -8.80 6.29
CA GLN E 203 5.38 -9.69 6.52
C GLN E 203 5.06 -10.72 7.61
N LEU E 204 4.31 -10.32 8.61
CA LEU E 204 3.84 -11.28 9.67
C LEU E 204 2.96 -12.37 9.03
N ARG E 205 2.14 -12.00 8.07
CA ARG E 205 1.32 -13.01 7.37
C ARG E 205 2.18 -13.97 6.56
N LYS E 206 3.25 -13.46 5.97
CA LYS E 206 4.20 -14.31 5.26
C LYS E 206 4.97 -15.24 6.23
N LEU E 207 5.25 -14.75 7.44
CA LEU E 207 5.84 -15.62 8.48
C LEU E 207 4.87 -16.80 8.71
N ALA E 208 3.57 -16.49 8.79
CA ALA E 208 2.59 -17.54 9.05
C ALA E 208 2.43 -18.51 7.85
N SER E 209 2.38 -17.98 6.61
CA SER E 209 2.06 -18.80 5.42
C SER E 209 3.25 -19.62 4.95
N GLY E 210 4.43 -19.03 5.09
CA GLY E 210 5.66 -19.51 4.48
C GLY E 210 5.65 -19.24 2.97
N THR F 2 24.28 18.22 1.29
CA THR F 2 24.71 17.82 2.68
C THR F 2 25.73 16.67 2.66
N THR F 3 26.44 16.50 3.78
CA THR F 3 27.32 15.35 4.01
C THR F 3 27.01 14.71 5.37
N VAL F 4 27.35 13.44 5.50
CA VAL F 4 27.22 12.70 6.74
C VAL F 4 28.63 12.27 7.16
N GLN F 5 28.99 12.60 8.39
CA GLN F 5 30.29 12.20 8.91
C GLN F 5 30.43 10.72 9.08
N GLY F 6 31.62 10.22 8.73
CA GLY F 6 32.05 8.86 9.05
C GLY F 6 33.57 8.79 9.25
N PHE F 7 34.07 7.57 9.38
CA PHE F 7 35.50 7.32 9.55
C PHE F 7 35.89 5.91 9.08
N ASP F 8 37.19 5.61 9.07
CA ASP F 8 37.60 4.25 8.79
C ASP F 8 38.80 3.88 9.65
N ILE F 9 38.88 2.60 9.98
CA ILE F 9 39.84 2.08 10.98
C ILE F 9 40.42 0.73 10.59
N SER F 10 41.43 0.27 11.34
CA SER F 10 42.11 -1.01 11.08
C SER F 10 42.84 -1.39 12.35
N ASN F 11 43.66 -2.43 12.28
CA ASN F 11 44.53 -2.76 13.43
C ASN F 11 45.54 -1.69 13.84
N HIS F 12 45.69 -0.60 13.07
CA HIS F 12 46.44 0.55 13.55
C HIS F 12 45.75 1.17 14.78
N GLN F 13 44.44 0.93 14.92
CA GLN F 13 43.70 1.30 16.12
C GLN F 13 43.43 0.05 16.96
N LYS F 14 44.12 -0.12 18.09
CA LYS F 14 43.90 -1.32 18.90
C LYS F 14 42.57 -1.30 19.62
N SER F 15 42.05 -0.10 19.85
CA SER F 15 40.73 0.09 20.43
C SER F 15 40.20 1.38 19.87
N VAL F 16 38.88 1.56 19.89
CA VAL F 16 38.26 2.78 19.36
C VAL F 16 37.11 3.26 20.27
N ASN F 17 37.07 4.57 20.56
CA ASN F 17 35.95 5.22 21.28
C ASN F 17 34.76 5.44 20.30
N PHE F 18 34.05 4.35 20.02
CA PHE F 18 32.94 4.37 19.11
C PHE F 18 31.85 5.33 19.58
N GLU F 19 31.65 5.38 20.90
CA GLU F 19 30.62 6.23 21.48
C GLU F 19 30.95 7.70 21.32
N ALA F 20 32.19 8.07 21.61
CA ALA F 20 32.65 9.44 21.37
C ALA F 20 32.43 9.85 19.91
N ALA F 21 32.58 8.89 18.99
CA ALA F 21 32.45 9.16 17.55
C ALA F 21 30.99 9.44 17.20
N LYS F 22 30.09 8.53 17.58
CA LYS F 22 28.65 8.76 17.48
C LYS F 22 28.23 10.14 18.00
N LYS F 23 28.66 10.46 19.22
CA LYS F 23 28.31 11.69 19.91
C LYS F 23 28.77 12.91 19.13
N ASP F 24 29.87 12.77 18.40
CA ASP F 24 30.37 13.87 17.59
C ASP F 24 29.81 13.85 16.16
N GLY F 25 28.82 12.99 15.92
CA GLY F 25 28.09 13.03 14.66
C GLY F 25 28.46 11.95 13.66
N ALA F 26 29.43 11.08 14.00
CA ALA F 26 29.78 9.98 13.08
C ALA F 26 28.60 9.04 12.91
N GLN F 27 28.36 8.59 11.67
CA GLN F 27 27.24 7.65 11.40
C GLN F 27 27.63 6.33 10.74
N PHE F 28 28.85 6.24 10.24
CA PHE F 28 29.33 5.05 9.59
C PHE F 28 30.84 4.92 9.77
N VAL F 29 31.30 3.70 9.62
CA VAL F 29 32.75 3.35 9.73
C VAL F 29 33.06 2.16 8.82
N MET F 30 34.17 2.25 8.09
N MET F 30 34.19 2.23 8.11
CA MET F 30 34.67 1.14 7.27
CA MET F 30 34.65 1.14 7.26
C MET F 30 35.80 0.51 8.07
C MET F 30 35.85 0.51 7.96
N ILE F 31 35.86 -0.80 8.08
CA ILE F 31 36.84 -1.46 8.95
C ILE F 31 37.68 -2.45 8.16
N LYS F 32 39.00 -2.36 8.28
CA LYS F 32 39.82 -3.31 7.55
C LYS F 32 39.55 -4.77 7.93
N ALA F 33 39.31 -5.62 6.94
CA ALA F 33 39.05 -7.03 7.20
C ALA F 33 40.22 -7.90 6.83
N THR F 34 40.79 -7.65 5.65
CA THR F 34 41.76 -8.56 5.03
C THR F 34 42.77 -7.78 4.19
N GLU F 35 43.89 -8.41 3.90
CA GLU F 35 44.87 -7.85 3.00
C GLU F 35 45.47 -8.99 2.22
N GLY F 36 45.68 -8.78 0.93
CA GLY F 36 46.29 -9.78 0.07
C GLY F 36 45.53 -11.09 0.11
N THR F 37 46.31 -12.16 0.08
CA THR F 37 45.78 -13.50 -0.10
C THR F 37 45.41 -14.24 1.20
N THR F 38 46.16 -13.98 2.28
CA THR F 38 46.02 -14.79 3.50
C THR F 38 45.92 -13.97 4.80
N TYR F 39 46.12 -12.66 4.70
CA TYR F 39 46.20 -11.80 5.90
C TYR F 39 44.84 -11.36 6.40
N LYS F 40 44.53 -11.75 7.63
CA LYS F 40 43.34 -11.23 8.30
C LYS F 40 43.77 -10.15 9.29
N ASP F 41 43.09 -9.00 9.24
CA ASP F 41 43.30 -7.98 10.25
C ASP F 41 42.61 -8.50 11.50
N THR F 42 43.40 -8.75 12.54
CA THR F 42 42.92 -9.51 13.69
C THR F 42 42.12 -8.64 14.68
N VAL F 43 42.01 -7.34 14.41
CA VAL F 43 41.18 -6.44 15.22
C VAL F 43 39.78 -6.26 14.60
N PHE F 44 39.59 -6.79 13.39
CA PHE F 44 38.35 -6.62 12.64
C PHE F 44 37.11 -7.00 13.49
N ASN F 45 37.13 -8.17 14.08
CA ASN F 45 35.98 -8.60 14.92
C ASN F 45 35.63 -7.64 16.07
N SER F 46 36.64 -7.20 16.82
CA SER F 46 36.40 -6.30 17.94
C SER F 46 35.91 -4.93 17.48
N HIS F 47 36.45 -4.42 16.36
CA HIS F 47 35.93 -3.18 15.81
C HIS F 47 34.48 -3.23 15.33
N TYR F 48 34.15 -4.34 14.66
CA TYR F 48 32.82 -4.54 14.07
C TYR F 48 31.81 -4.61 15.20
N THR F 49 32.11 -5.40 16.23
CA THR F 49 31.24 -5.47 17.42
C THR F 49 31.09 -4.11 18.12
N GLY F 50 32.18 -3.40 18.31
CA GLY F 50 32.12 -2.05 18.87
C GLY F 50 31.28 -1.05 18.08
N ALA F 51 31.36 -1.13 16.74
CA ALA F 51 30.62 -0.20 15.87
C ALA F 51 29.12 -0.47 15.93
N THR F 52 28.77 -1.74 15.85
CA THR F 52 27.42 -2.25 16.05
C THR F 52 26.82 -1.75 17.39
N LYS F 53 27.54 -1.96 18.49
CA LYS F 53 27.02 -1.63 19.81
C LYS F 53 26.88 -0.14 19.97
N ALA F 54 27.63 0.64 19.18
CA ALA F 54 27.46 2.09 19.14
C ALA F 54 26.33 2.56 18.22
N GLY F 55 25.75 1.64 17.46
CA GLY F 55 24.74 2.00 16.46
C GLY F 55 25.30 2.66 15.23
N LEU F 56 26.52 2.29 14.85
CA LEU F 56 27.13 2.84 13.63
C LEU F 56 26.83 1.91 12.45
N LEU F 57 26.56 2.50 11.28
CA LEU F 57 26.63 1.71 10.05
C LEU F 57 28.11 1.32 9.91
N ARG F 58 28.38 0.12 9.41
CA ARG F 58 29.75 -0.41 9.24
C ARG F 58 29.83 -1.38 8.08
N GLY F 59 31.02 -1.50 7.49
CA GLY F 59 31.32 -2.51 6.50
C GLY F 59 32.82 -2.80 6.56
N GLY F 60 33.23 -3.81 5.83
CA GLY F 60 34.64 -4.24 5.80
C GLY F 60 35.38 -3.62 4.61
N TYR F 61 36.71 -3.55 4.69
CA TYR F 61 37.48 -3.27 3.48
C TYR F 61 38.67 -4.19 3.27
N HIS F 62 39.10 -4.31 2.03
CA HIS F 62 40.15 -5.22 1.68
C HIS F 62 41.34 -4.43 1.17
N PHE F 63 42.54 -4.64 1.75
CA PHE F 63 43.73 -4.00 1.17
C PHE F 63 44.29 -4.86 0.05
N ALA F 64 44.10 -4.38 -1.20
CA ALA F 64 44.53 -5.10 -2.38
C ALA F 64 46.05 -5.33 -2.43
N ARG F 65 46.45 -6.52 -2.79
CA ARG F 65 47.83 -6.78 -3.20
CA ARG F 65 47.83 -6.80 -3.17
C ARG F 65 47.82 -7.49 -4.55
N PRO F 66 47.71 -6.71 -5.64
CA PRO F 66 47.42 -7.28 -6.96
C PRO F 66 48.48 -8.19 -7.55
N ASP F 67 49.71 -8.16 -7.00
CA ASP F 67 50.78 -9.00 -7.53
C ASP F 67 50.82 -10.38 -6.87
N LYS F 68 50.00 -10.60 -5.86
CA LYS F 68 50.07 -11.84 -5.09
C LYS F 68 49.09 -12.95 -5.51
N SER F 69 48.05 -12.57 -6.20
CA SER F 69 47.06 -13.51 -6.69
C SER F 69 46.09 -12.76 -7.60
N THR F 70 45.08 -13.44 -8.08
CA THR F 70 44.04 -12.80 -8.87
C THR F 70 43.05 -11.97 -8.04
N GLY F 71 42.36 -11.04 -8.69
CA GLY F 71 41.27 -10.31 -8.10
C GLY F 71 40.18 -11.17 -7.51
N SER F 72 39.76 -12.23 -8.20
CA SER F 72 38.75 -13.17 -7.66
CA SER F 72 38.73 -13.11 -7.63
C SER F 72 39.20 -13.87 -6.38
N THR F 73 40.46 -14.30 -6.34
CA THR F 73 40.97 -15.02 -5.16
C THR F 73 40.85 -14.12 -3.95
N GLN F 74 41.22 -12.85 -4.12
CA GLN F 74 41.21 -11.94 -3.01
C GLN F 74 39.81 -11.52 -2.62
N ALA F 75 38.91 -11.41 -3.62
CA ALA F 75 37.53 -11.10 -3.32
C ALA F 75 36.92 -12.26 -2.50
N LYS F 76 37.22 -13.50 -2.88
CA LYS F 76 36.69 -14.69 -2.16
C LYS F 76 37.19 -14.72 -0.69
N PHE F 77 38.45 -14.38 -0.48
CA PHE F 77 39.06 -14.29 0.84
C PHE F 77 38.41 -13.21 1.70
N PHE F 78 38.26 -12.00 1.15
CA PHE F 78 37.56 -10.89 1.79
C PHE F 78 36.13 -11.29 2.22
N LEU F 79 35.40 -11.89 1.28
CA LEU F 79 33.98 -12.24 1.46
C LEU F 79 33.78 -13.20 2.64
N LYS F 80 34.77 -14.05 2.87
CA LYS F 80 34.71 -15.04 3.96
C LYS F 80 35.14 -14.47 5.32
N ASN F 81 35.78 -13.30 5.29
CA ASN F 81 36.39 -12.77 6.49
C ASN F 81 35.96 -11.35 6.88
N GLY F 82 34.70 -11.02 6.59
CA GLY F 82 34.11 -9.77 7.06
C GLY F 82 33.75 -8.77 5.98
N GLY F 83 34.12 -9.07 4.74
CA GLY F 83 33.68 -8.23 3.63
C GLY F 83 32.27 -8.53 3.14
N GLY F 84 31.63 -9.53 3.77
CA GLY F 84 30.24 -9.88 3.45
C GLY F 84 29.25 -8.72 3.57
N TRP F 85 28.09 -8.87 2.92
CA TRP F 85 27.07 -7.80 3.00
C TRP F 85 25.64 -8.39 3.06
N SER F 86 24.76 -7.73 3.80
CA SER F 86 23.32 -8.02 3.73
C SER F 86 22.49 -6.76 4.01
N ASP F 87 21.21 -6.78 3.63
CA ASP F 87 20.35 -5.61 3.82
C ASP F 87 19.68 -5.70 5.19
N ASP F 88 20.47 -5.48 6.23
CA ASP F 88 20.02 -5.65 7.60
C ASP F 88 19.93 -4.31 8.29
N ASN F 89 19.87 -3.25 7.48
CA ASN F 89 19.95 -1.88 7.96
C ASN F 89 21.26 -1.49 8.67
N ARG F 90 22.29 -2.34 8.61
CA ARG F 90 23.53 -2.09 9.37
C ARG F 90 24.80 -1.98 8.49
N THR F 91 24.75 -2.56 7.28
CA THR F 91 25.97 -2.94 6.56
C THR F 91 26.17 -2.14 5.28
N LEU F 92 27.32 -1.46 5.20
CA LEU F 92 27.75 -0.81 3.95
C LEU F 92 28.33 -1.90 3.03
N PRO F 93 28.25 -1.72 1.70
CA PRO F 93 28.89 -2.73 0.84
C PRO F 93 30.41 -2.69 1.05
N GLY F 94 31.06 -3.84 0.89
CA GLY F 94 32.51 -3.93 1.14
C GLY F 94 33.26 -3.00 0.20
N MET F 95 34.45 -2.59 0.64
CA MET F 95 35.30 -1.61 -0.05
C MET F 95 36.65 -2.22 -0.43
N LEU F 96 37.06 -1.99 -1.69
CA LEU F 96 38.36 -2.41 -2.18
C LEU F 96 39.30 -1.22 -2.07
N ASP F 97 40.33 -1.37 -1.25
CA ASP F 97 41.32 -0.31 -1.05
C ASP F 97 42.44 -0.70 -2.03
N ILE F 98 42.50 0.07 -3.11
CA ILE F 98 43.39 -0.21 -4.19
C ILE F 98 44.16 1.08 -4.53
N GLU F 99 45.34 1.13 -3.95
CA GLU F 99 46.19 2.27 -4.07
C GLU F 99 47.64 1.93 -3.71
N TYR F 100 48.33 2.90 -3.12
CA TYR F 100 49.77 2.82 -3.06
C TYR F 100 50.33 1.54 -2.42
N ASN F 101 51.23 0.90 -3.13
CA ASN F 101 51.86 -0.28 -2.61
C ASN F 101 52.83 0.07 -1.50
N PRO F 102 52.56 -0.38 -0.27
CA PRO F 102 53.42 -0.02 0.87
C PRO F 102 54.71 -0.80 0.85
N TYR F 103 54.79 -1.78 -0.03
CA TYR F 103 55.90 -2.70 -0.03
C TYR F 103 56.95 -2.34 -1.09
N GLY F 104 56.83 -1.13 -1.64
CA GLY F 104 57.92 -0.44 -2.34
C GLY F 104 58.11 -0.70 -3.84
N ALA F 105 57.06 -1.20 -4.50
CA ALA F 105 57.10 -1.44 -5.95
C ALA F 105 55.92 -0.77 -6.65
N THR F 106 56.25 0.16 -7.51
CA THR F 106 55.25 1.01 -8.15
C THR F 106 54.20 0.15 -8.88
N CYS F 107 52.93 0.44 -8.59
CA CYS F 107 51.77 -0.26 -9.16
C CYS F 107 51.83 -1.79 -9.02
N TYR F 108 52.51 -2.27 -7.96
CA TYR F 108 52.66 -3.71 -7.69
C TYR F 108 53.30 -4.48 -8.86
N GLY F 109 54.02 -3.78 -9.72
CA GLY F 109 54.70 -4.45 -10.85
C GLY F 109 53.77 -4.85 -12.00
N LEU F 110 52.50 -4.48 -11.90
CA LEU F 110 51.54 -4.76 -12.97
C LEU F 110 51.42 -3.65 -14.01
N SER F 111 51.13 -4.05 -15.24
CA SER F 111 50.85 -3.10 -16.32
C SER F 111 49.46 -2.50 -16.12
N HIS F 112 49.17 -1.42 -16.85
CA HIS F 112 47.83 -0.80 -16.73
C HIS F 112 46.75 -1.80 -17.04
N SER F 113 46.93 -2.58 -18.12
CA SER F 113 45.87 -3.54 -18.52
C SER F 113 45.71 -4.67 -17.52
N GLN F 114 46.84 -5.15 -17.01
CA GLN F 114 46.80 -6.17 -15.96
C GLN F 114 46.08 -5.66 -14.74
N MET F 115 46.35 -4.40 -14.37
CA MET F 115 45.74 -3.86 -13.16
C MET F 115 44.23 -3.69 -13.31
N VAL F 116 43.82 -3.19 -14.48
CA VAL F 116 42.40 -3.01 -14.80
C VAL F 116 41.67 -4.35 -14.73
N ALA F 117 42.27 -5.37 -15.35
CA ALA F 117 41.73 -6.75 -15.32
C ALA F 117 41.63 -7.31 -13.90
N TRP F 118 42.68 -7.10 -13.09
CA TRP F 118 42.65 -7.50 -11.68
C TRP F 118 41.45 -6.89 -10.93
N ILE F 119 41.27 -5.56 -11.09
CA ILE F 119 40.22 -4.85 -10.36
C ILE F 119 38.83 -5.30 -10.87
N HIS F 120 38.68 -5.48 -12.18
CA HIS F 120 37.42 -6.06 -12.68
C HIS F 120 37.13 -7.43 -12.05
N ASP F 121 38.14 -8.30 -12.03
CA ASP F 121 37.99 -9.64 -11.41
C ASP F 121 37.54 -9.59 -9.97
N PHE F 122 38.15 -8.69 -9.18
CA PHE F 122 37.71 -8.48 -7.79
C PHE F 122 36.24 -8.04 -7.68
N VAL F 123 35.91 -6.97 -8.39
CA VAL F 123 34.63 -6.30 -8.35
C VAL F 123 33.51 -7.23 -8.84
N ASN F 124 33.78 -7.96 -9.92
CA ASN F 124 32.81 -8.92 -10.47
C ASN F 124 32.52 -10.07 -9.50
N GLU F 125 33.57 -10.64 -8.91
CA GLU F 125 33.37 -11.68 -7.87
C GLU F 125 32.56 -11.19 -6.69
N TYR F 126 32.90 -10.00 -6.16
CA TYR F 126 32.14 -9.42 -5.07
C TYR F 126 30.65 -9.27 -5.39
N HIS F 127 30.36 -8.74 -6.58
CA HIS F 127 28.98 -8.56 -7.02
C HIS F 127 28.21 -9.88 -7.21
N HIS F 128 28.84 -10.87 -7.84
CA HIS F 128 28.22 -12.20 -7.94
C HIS F 128 27.82 -12.74 -6.57
N ALA F 129 28.66 -12.46 -5.58
CA ALA F 129 28.54 -13.08 -4.28
C ALA F 129 27.51 -12.41 -3.43
N THR F 130 27.28 -11.11 -3.65
CA THR F 130 26.50 -10.30 -2.72
C THR F 130 25.30 -9.56 -3.32
N SER F 131 25.26 -9.44 -4.65
CA SER F 131 24.27 -8.61 -5.37
CA SER F 131 24.31 -8.63 -5.41
C SER F 131 24.68 -7.13 -5.37
N ARG F 132 25.78 -6.80 -4.69
CA ARG F 132 26.20 -5.41 -4.60
C ARG F 132 27.54 -5.20 -5.29
N TRP F 133 27.66 -4.04 -5.93
CA TRP F 133 28.98 -3.63 -6.42
C TRP F 133 29.75 -3.06 -5.22
N PRO F 134 31.01 -3.51 -5.03
CA PRO F 134 31.81 -3.00 -3.92
C PRO F 134 32.20 -1.54 -4.18
N MET F 135 32.54 -0.82 -3.12
CA MET F 135 33.11 0.50 -3.23
C MET F 135 34.57 0.33 -3.62
N ILE F 136 35.10 1.33 -4.34
CA ILE F 136 36.52 1.39 -4.65
C ILE F 136 37.13 2.62 -4.00
N TYR F 137 38.14 2.38 -3.16
CA TYR F 137 38.87 3.43 -2.46
C TYR F 137 40.20 3.60 -3.19
N THR F 138 40.47 4.86 -3.57
CA THR F 138 41.75 5.16 -4.22
C THR F 138 42.05 6.66 -4.18
N THR F 139 43.18 7.06 -4.76
CA THR F 139 43.40 8.47 -5.05
C THR F 139 43.33 8.72 -6.57
N ALA F 140 43.02 9.95 -6.96
CA ALA F 140 43.03 10.29 -8.38
C ALA F 140 44.41 10.03 -8.97
N ASP F 141 45.44 10.37 -8.21
CA ASP F 141 46.79 10.20 -8.69
C ASP F 141 47.15 8.72 -8.89
N TRP F 142 46.78 7.87 -7.91
CA TRP F 142 47.10 6.45 -8.06
C TRP F 142 46.35 5.87 -9.29
N TRP F 143 45.07 6.21 -9.41
CA TRP F 143 44.21 5.73 -10.49
C TRP F 143 44.80 6.08 -11.85
N ASN F 144 45.27 7.33 -11.95
CA ASN F 144 45.91 7.80 -13.15
C ASN F 144 47.19 7.01 -13.48
N ARG F 145 48.08 6.85 -12.49
CA ARG F 145 49.39 6.21 -12.69
C ARG F 145 49.27 4.72 -12.98
N CYS F 146 48.41 4.05 -12.20
CA CYS F 146 48.38 2.59 -12.22
C CYS F 146 47.32 1.95 -13.07
N THR F 147 46.32 2.72 -13.51
CA THR F 147 45.31 2.13 -14.42
C THR F 147 45.23 2.87 -15.73
N GLY F 148 46.06 3.89 -15.91
CA GLY F 148 45.93 4.76 -17.08
C GLY F 148 44.66 5.61 -17.03
N ASN F 149 44.21 5.91 -15.82
CA ASN F 149 42.96 6.63 -15.58
C ASN F 149 41.76 5.92 -16.21
N ALA F 150 41.74 4.60 -16.00
CA ALA F 150 40.78 3.70 -16.65
C ALA F 150 39.32 4.09 -16.40
N LYS F 151 38.50 3.96 -17.44
CA LYS F 151 37.08 4.16 -17.28
C LYS F 151 36.50 2.77 -17.08
N GLY F 152 35.19 2.67 -16.97
CA GLY F 152 34.54 1.36 -16.92
C GLY F 152 34.07 1.00 -15.53
N PHE F 153 34.44 1.78 -14.53
CA PHE F 153 33.97 1.42 -13.19
C PHE F 153 32.95 2.36 -12.60
N GLY F 154 32.84 3.54 -13.20
CA GLY F 154 32.15 4.64 -12.60
C GLY F 154 30.66 4.53 -12.54
N ASP F 155 30.08 3.63 -13.32
CA ASP F 155 28.64 3.44 -13.18
C ASP F 155 28.30 2.47 -12.07
N LYS F 156 29.11 1.45 -11.84
CA LYS F 156 28.74 0.38 -10.89
C LYS F 156 29.25 0.62 -9.45
N CYS F 157 30.53 0.94 -9.31
CA CYS F 157 31.21 0.93 -7.99
C CYS F 157 31.23 2.33 -7.38
N PRO F 158 30.62 2.51 -6.19
CA PRO F 158 30.77 3.78 -5.49
C PRO F 158 32.25 4.16 -5.27
N LEU F 159 32.59 5.41 -5.56
CA LEU F 159 33.97 5.88 -5.38
C LEU F 159 34.19 6.42 -3.97
N VAL F 160 35.27 5.95 -3.34
CA VAL F 160 35.75 6.50 -2.06
C VAL F 160 37.06 7.17 -2.39
N LEU F 161 37.05 8.49 -2.39
CA LEU F 161 38.16 9.27 -2.91
CA LEU F 161 38.19 9.25 -2.90
C LEU F 161 38.96 9.91 -1.76
N ALA F 162 40.25 9.55 -1.64
CA ALA F 162 41.11 10.18 -0.62
C ALA F 162 41.74 11.46 -1.20
N ALA F 163 41.51 12.59 -0.52
CA ALA F 163 42.10 13.87 -0.89
C ALA F 163 42.04 14.74 0.34
N TYR F 164 43.18 14.92 1.01
CA TYR F 164 43.09 15.64 2.29
C TYR F 164 43.08 17.17 2.13
N SER F 165 41.98 17.78 2.57
CA SER F 165 41.73 19.18 2.27
C SER F 165 40.53 19.65 3.08
N SER F 166 40.34 20.96 3.14
CA SER F 166 39.15 21.49 3.79
C SER F 166 37.98 21.51 2.83
N SER F 167 38.28 21.40 1.54
CA SER F 167 37.23 21.35 0.52
C SER F 167 37.34 20.04 -0.27
N PRO F 168 36.22 19.57 -0.84
CA PRO F 168 36.17 18.22 -1.45
C PRO F 168 37.08 18.09 -2.69
N PRO F 169 37.35 16.84 -3.14
CA PRO F 169 38.27 16.55 -4.23
C PRO F 169 38.05 17.41 -5.50
N LYS F 170 39.15 17.88 -6.06
CA LYS F 170 39.14 18.76 -7.22
C LYS F 170 39.14 17.92 -8.47
N THR F 171 39.76 16.75 -8.40
CA THR F 171 39.79 15.88 -9.57
C THR F 171 39.22 14.45 -9.35
N ILE F 172 38.30 14.09 -10.22
CA ILE F 172 37.54 12.85 -10.10
C ILE F 172 38.11 11.89 -11.15
N PRO F 173 38.61 10.73 -10.72
CA PRO F 173 39.26 9.83 -11.68
C PRO F 173 38.27 9.06 -12.54
N GLY F 174 38.77 8.41 -13.59
CA GLY F 174 38.02 7.46 -14.38
C GLY F 174 36.78 8.08 -14.99
N ASP F 175 35.70 7.31 -15.02
CA ASP F 175 34.44 7.82 -15.50
C ASP F 175 33.42 8.04 -14.38
N TRP F 176 33.89 8.25 -13.16
CA TRP F 176 32.98 8.58 -12.06
C TRP F 176 32.50 10.01 -12.23
N LYS F 177 31.22 10.25 -11.94
CA LYS F 177 30.69 11.63 -11.98
C LYS F 177 31.22 12.40 -10.75
N THR F 178 31.23 11.74 -9.59
CA THR F 178 31.69 12.35 -8.37
C THR F 178 31.98 11.21 -7.38
N TRP F 179 32.45 11.58 -6.19
CA TRP F 179 32.72 10.66 -5.11
C TRP F 179 31.42 10.31 -4.41
N THR F 180 31.38 9.10 -3.86
CA THR F 180 30.32 8.72 -2.93
C THR F 180 30.74 9.00 -1.46
N ILE F 181 31.99 8.68 -1.13
CA ILE F 181 32.58 9.01 0.15
C ILE F 181 33.92 9.67 -0.11
N TRP F 182 34.21 10.72 0.63
CA TRP F 182 35.45 11.50 0.49
C TRP F 182 36.25 11.27 1.76
N GLN F 183 37.44 10.70 1.62
CA GLN F 183 38.30 10.59 2.80
C GLN F 183 39.08 11.89 2.94
N ASN F 184 38.68 12.70 3.92
CA ASN F 184 39.09 14.08 3.92
C ASN F 184 40.31 14.36 4.81
N SER F 185 40.64 13.40 5.68
CA SER F 185 41.87 13.47 6.46
C SER F 185 42.30 12.10 6.93
N ASP F 186 43.57 12.00 7.38
CA ASP F 186 44.07 10.76 8.01
C ASP F 186 44.21 10.92 9.53
N LYS F 187 43.52 11.92 10.08
CA LYS F 187 43.59 12.20 11.52
C LYS F 187 42.23 12.60 12.08
N TYR F 188 41.27 11.68 12.02
CA TYR F 188 39.94 11.90 12.58
C TYR F 188 40.09 12.06 14.09
N LYS F 189 39.39 13.04 14.66
CA LYS F 189 39.57 13.38 16.07
C LYS F 189 39.32 12.19 17.01
N HIS F 190 38.61 11.17 16.50
CA HIS F 190 38.24 9.99 17.29
C HIS F 190 38.83 8.69 16.84
N GLY F 191 39.88 8.77 16.01
CA GLY F 191 40.58 7.55 15.61
C GLY F 191 40.48 7.27 14.13
N GLY F 192 41.59 6.80 13.54
CA GLY F 192 41.61 6.44 12.12
C GLY F 192 41.53 7.65 11.20
N ASP F 193 40.98 7.44 10.01
CA ASP F 193 40.85 8.47 9.00
C ASP F 193 39.45 9.02 9.04
N SER F 194 39.31 10.27 8.67
CA SER F 194 37.96 10.88 8.54
C SER F 194 37.37 10.66 7.14
N ASP F 195 36.04 10.45 7.09
CA ASP F 195 35.32 10.31 5.83
C ASP F 195 34.02 11.13 5.84
N LYS F 196 33.60 11.57 4.65
CA LYS F 196 32.34 12.26 4.46
C LYS F 196 31.54 11.58 3.39
N PHE F 197 30.29 11.22 3.72
CA PHE F 197 29.41 10.63 2.73
C PHE F 197 28.73 11.78 1.95
N ASN F 198 28.61 11.59 0.63
CA ASN F 198 28.04 12.60 -0.29
C ASN F 198 26.48 12.58 -0.33
N GLY F 199 25.86 13.22 0.65
CA GLY F 199 24.40 13.29 0.69
C GLY F 199 23.90 13.14 2.12
N PRO F 200 22.57 13.21 2.29
CA PRO F 200 21.96 13.07 3.61
C PRO F 200 21.84 11.61 4.07
N MET F 201 21.44 11.47 5.34
CA MET F 201 21.29 10.16 5.96
C MET F 201 20.44 9.21 5.15
N THR F 202 19.34 9.70 4.55
CA THR F 202 18.51 8.81 3.71
C THR F 202 19.27 8.23 2.51
N GLN F 203 20.10 9.04 1.85
CA GLN F 203 20.95 8.52 0.75
C GLN F 203 21.97 7.49 1.29
N LEU F 204 22.54 7.75 2.46
CA LEU F 204 23.47 6.78 3.03
C LEU F 204 22.78 5.44 3.36
N ARG F 205 21.55 5.52 3.89
CA ARG F 205 20.81 4.30 4.15
C ARG F 205 20.56 3.51 2.86
N LYS F 206 20.38 4.24 1.75
CA LYS F 206 20.24 3.61 0.43
C LYS F 206 21.55 2.95 -0.06
N LEU F 207 22.68 3.59 0.18
CA LEU F 207 23.98 2.94 -0.13
C LEU F 207 24.03 1.62 0.63
N ALA F 208 23.59 1.67 1.88
CA ALA F 208 23.64 0.46 2.71
C ALA F 208 22.69 -0.64 2.20
N SER F 209 21.47 -0.26 1.82
CA SER F 209 20.46 -1.25 1.42
C SER F 209 20.57 -1.70 -0.05
N GLY F 210 21.05 -0.81 -0.94
CA GLY F 210 21.16 -1.09 -2.38
C GLY F 210 19.88 -0.72 -3.12
#